data_5N6B
#
_entry.id   5N6B
#
_cell.length_a   118.090
_cell.length_b   168.990
_cell.length_c   49.150
_cell.angle_alpha   90.00
_cell.angle_beta   90.00
_cell.angle_gamma   90.00
#
_symmetry.space_group_name_H-M   'P 21 21 2'
#
loop_
_entity.id
_entity.type
_entity.pdbx_description
1 polymer 'HLA class I histocompatibility antigen, A-2 alpha chain'
2 polymer Beta-2-microglobulin
3 polymer NS5
4 non-polymer 1,2-ETHANEDIOL
5 non-polymer '4-(2-HYDROXYETHYL)-1-PIPERAZINE ETHANESULFONIC ACID'
6 non-polymer DI(HYDROXYETHYL)ETHER
7 non-polymer 'SULFATE ION'
8 non-polymer GLYCEROL
9 water water
#
loop_
_entity_poly.entity_id
_entity_poly.type
_entity_poly.pdbx_seq_one_letter_code
_entity_poly.pdbx_strand_id
1 'polypeptide(L)'
;GSHSMRYFFTSVSRPGRGEPRFIAVGYVDDTQFVRFDSDAASQRMEPRAPWIEQEGPEYWDGETRKVKAHSQTHRVDLGT
LRGYYNQSEAGSHTVQRMYGCDVGSDWRFLRGYHQYAYDGKDYIALKEDLRSWTAADMAAQTTKHKWEAAHVAEQLRAYL
EGTCVEWLRRYLENGKETLQRTDAPKTHMTHHAVSDHEATLRCWALSFYPAEITLTWQRDGEDQTQDTELVETRPAGDGT
FQKWAAVVVPSGQEQRYTCHVQHEGLPKPLTLRWEP
;
A,D
2 'polypeptide(L)'
;MIQRTPKIQVYSRHPAENGKSNFLNCYVSGFHPSDIEVDLLKNGERIEKVEHSDLSFSKDWSFYLLYYTEFTPTEKDEYA
CRVNHVTLSQPKIVKWDRDM
;
B,E
3 'polypeptide(L)' LLWNGPMAV C,F
#
# COMPACT_ATOMS: atom_id res chain seq x y z
N GLY A 1 17.44 17.79 7.63
CA GLY A 1 18.18 16.58 7.21
C GLY A 1 17.19 15.45 7.10
N SER A 2 17.70 14.31 6.69
CA SER A 2 16.86 13.14 6.49
C SER A 2 16.66 12.39 7.82
N HIS A 3 15.70 11.48 7.86
CA HIS A 3 15.42 10.76 9.08
C HIS A 3 15.01 9.37 8.74
N SER A 4 14.98 8.51 9.76
CA SER A 4 14.55 7.14 9.57
C SER A 4 13.77 6.63 10.74
N MET A 5 12.94 5.61 10.51
CA MET A 5 12.38 4.77 11.57
C MET A 5 12.72 3.35 11.25
N ARG A 6 13.28 2.64 12.24
CA ARG A 6 13.73 1.29 12.01
C ARG A 6 13.31 0.43 13.17
N TYR A 7 12.89 -0.79 12.89
CA TYR A 7 12.64 -1.80 13.90
C TYR A 7 13.59 -2.99 13.68
N PHE A 8 14.12 -3.51 14.79
CA PHE A 8 15.11 -4.56 14.83
C PHE A 8 14.54 -5.69 15.70
N PHE A 9 14.54 -6.92 15.18
CA PHE A 9 14.03 -8.06 15.90
C PHE A 9 15.05 -9.16 15.91
N THR A 10 15.25 -9.77 17.10
CA THR A 10 16.10 -10.93 17.21
C THR A 10 15.34 -12.06 17.90
N SER A 11 15.46 -13.26 17.35
N SER A 11 15.42 -13.25 17.33
CA SER A 11 14.86 -14.43 17.92
CA SER A 11 14.85 -14.43 17.95
C SER A 11 15.90 -15.54 18.03
C SER A 11 15.90 -15.53 18.03
N VAL A 12 16.04 -16.14 19.19
CA VAL A 12 17.04 -17.13 19.45
C VAL A 12 16.46 -18.38 20.03
N SER A 13 16.70 -19.50 19.35
CA SER A 13 16.21 -20.76 19.89
C SER A 13 16.97 -21.31 21.08
N ARG A 14 16.27 -22.10 21.93
CA ARG A 14 16.79 -22.60 23.16
C ARG A 14 16.57 -24.07 23.26
N PRO A 15 17.50 -24.85 22.71
CA PRO A 15 17.44 -26.29 22.74
C PRO A 15 17.27 -26.87 24.11
N GLY A 16 16.25 -27.69 24.30
CA GLY A 16 16.02 -28.32 25.58
C GLY A 16 15.52 -27.37 26.67
N ARG A 17 15.27 -26.12 26.32
CA ARG A 17 14.97 -25.09 27.31
C ARG A 17 13.78 -24.24 26.90
N GLY A 18 12.85 -24.79 26.13
CA GLY A 18 11.55 -24.13 25.88
C GLY A 18 11.47 -23.03 24.85
N GLU A 19 10.71 -21.99 25.15
CA GLU A 19 10.35 -21.01 24.18
C GLU A 19 11.60 -20.12 23.78
N PRO A 20 11.65 -19.65 22.57
CA PRO A 20 12.83 -18.82 22.12
C PRO A 20 12.84 -17.47 22.75
N ARG A 21 14.03 -16.94 22.92
CA ARG A 21 14.16 -15.56 23.35
C ARG A 21 13.73 -14.67 22.20
N PHE A 22 13.02 -13.60 22.49
CA PHE A 22 12.61 -12.64 21.50
C PHE A 22 12.79 -11.22 22.01
N ILE A 23 13.47 -10.40 21.22
CA ILE A 23 13.71 -8.99 21.56
C ILE A 23 13.43 -8.12 20.38
N ALA A 24 12.63 -7.09 20.58
CA ALA A 24 12.33 -6.11 19.57
C ALA A 24 12.68 -4.75 20.03
N VAL A 25 13.23 -3.92 19.14
CA VAL A 25 13.52 -2.54 19.50
CA VAL A 25 13.61 -2.55 19.50
C VAL A 25 13.21 -1.63 18.33
N GLY A 26 12.68 -0.48 18.65
CA GLY A 26 12.39 0.49 17.64
C GLY A 26 13.23 1.75 17.85
N TYR A 27 13.66 2.36 16.70
CA TYR A 27 14.42 3.59 16.63
C TYR A 27 13.92 4.64 15.68
N VAL A 28 13.98 5.90 16.09
CA VAL A 28 13.90 7.05 15.20
C VAL A 28 15.32 7.61 15.18
N ASP A 29 15.92 7.60 13.98
CA ASP A 29 17.32 7.94 13.79
C ASP A 29 18.14 7.08 14.76
N ASP A 30 18.94 7.68 15.66
CA ASP A 30 19.73 6.87 16.57
C ASP A 30 19.13 6.82 17.99
N THR A 31 17.82 7.14 18.12
CA THR A 31 17.19 7.26 19.44
C THR A 31 16.23 6.08 19.58
N GLN A 32 16.48 5.21 20.52
CA GLN A 32 15.50 4.15 20.81
C GLN A 32 14.24 4.74 21.43
N PHE A 33 13.07 4.24 21.00
CA PHE A 33 11.81 4.71 21.56
C PHE A 33 10.86 3.64 22.12
N VAL A 34 11.05 2.39 21.76
CA VAL A 34 10.24 1.29 22.28
C VAL A 34 11.06 0.03 22.35
N ARG A 35 10.65 -0.85 23.23
CA ARG A 35 11.16 -2.18 23.28
C ARG A 35 10.15 -3.22 23.70
N PHE A 36 10.45 -4.44 23.33
CA PHE A 36 9.83 -5.64 23.87
C PHE A 36 10.86 -6.69 24.13
N ASP A 37 10.83 -7.31 25.31
CA ASP A 37 11.78 -8.38 25.61
C ASP A 37 11.02 -9.52 26.28
N SER A 38 11.09 -10.71 25.68
CA SER A 38 10.39 -11.86 26.23
C SER A 38 10.86 -12.22 27.62
N ASP A 39 12.09 -11.83 28.01
CA ASP A 39 12.61 -12.14 29.35
C ASP A 39 12.13 -11.17 30.42
N ALA A 40 11.53 -10.07 30.01
CA ALA A 40 11.10 -9.02 30.92
C ALA A 40 9.74 -9.27 31.60
N ALA A 41 9.39 -8.45 32.59
CA ALA A 41 8.24 -8.68 33.48
C ALA A 41 6.92 -8.37 32.80
N SER A 42 6.83 -7.28 32.07
CA SER A 42 5.51 -6.79 31.61
C SER A 42 4.85 -7.67 30.55
N GLN A 43 5.66 -8.27 29.68
CA GLN A 43 5.17 -8.92 28.45
C GLN A 43 4.31 -7.95 27.59
N ARG A 44 4.70 -6.68 27.59
CA ARG A 44 4.09 -5.67 26.76
C ARG A 44 5.17 -4.86 25.99
N MET A 45 4.77 -4.17 24.95
CA MET A 45 5.65 -3.16 24.35
C MET A 45 5.76 -2.04 25.37
N GLU A 46 6.97 -1.53 25.57
CA GLU A 46 7.28 -0.53 26.58
C GLU A 46 7.94 0.72 26.00
N PRO A 47 7.65 1.90 26.56
CA PRO A 47 8.25 3.13 26.07
C PRO A 47 9.71 3.28 26.54
N ARG A 48 10.54 3.89 25.70
CA ARG A 48 11.96 4.20 26.06
C ARG A 48 12.39 5.63 25.71
N ALA A 49 11.45 6.47 25.33
CA ALA A 49 11.73 7.85 25.11
C ALA A 49 10.58 8.65 25.69
N PRO A 50 10.84 9.88 26.18
CA PRO A 50 9.80 10.70 26.78
C PRO A 50 8.60 11.00 25.88
N TRP A 51 8.85 11.34 24.62
CA TRP A 51 7.83 11.77 23.69
C TRP A 51 6.86 10.65 23.28
N ILE A 52 7.23 9.39 23.40
CA ILE A 52 6.29 8.31 23.06
C ILE A 52 5.34 8.02 24.23
N GLU A 53 5.73 8.37 25.46
CA GLU A 53 4.91 8.17 26.67
C GLU A 53 3.53 8.78 26.62
N GLN A 54 3.34 9.83 25.85
CA GLN A 54 2.03 10.44 25.68
C GLN A 54 1.04 9.65 24.81
N GLU A 55 1.49 8.65 24.07
CA GLU A 55 0.57 7.82 23.28
C GLU A 55 -0.38 7.07 24.23
N GLY A 56 -1.64 6.88 23.82
CA GLY A 56 -2.67 6.36 24.73
C GLY A 56 -2.70 4.84 24.83
N PRO A 57 -3.67 4.31 25.64
CA PRO A 57 -3.72 2.85 25.79
C PRO A 57 -3.98 2.09 24.50
N GLU A 58 -4.70 2.67 23.52
N GLU A 58 -4.70 2.67 23.52
CA GLU A 58 -4.94 2.01 22.24
CA GLU A 58 -4.94 2.01 22.23
C GLU A 58 -3.63 1.76 21.47
C GLU A 58 -3.63 1.75 21.47
N TYR A 59 -2.70 2.71 21.55
CA TYR A 59 -1.38 2.55 20.96
C TYR A 59 -0.66 1.38 21.62
N TRP A 60 -0.58 1.39 22.94
CA TRP A 60 0.20 0.36 23.66
C TRP A 60 -0.41 -1.03 23.50
N ASP A 61 -1.73 -1.09 23.56
CA ASP A 61 -2.44 -2.36 23.33
C ASP A 61 -2.18 -2.89 21.93
N GLY A 62 -2.28 -2.02 20.95
CA GLY A 62 -2.02 -2.36 19.54
C GLY A 62 -0.63 -2.80 19.25
N GLU A 63 0.36 -2.07 19.79
CA GLU A 63 1.76 -2.41 19.57
C GLU A 63 2.13 -3.70 20.27
N THR A 64 1.49 -3.98 21.40
CA THR A 64 1.73 -5.23 22.10
C THR A 64 1.20 -6.39 21.29
N ARG A 65 -0.05 -6.20 20.80
CA ARG A 65 -0.61 -7.27 19.90
C ARG A 65 0.29 -7.56 18.69
N LYS A 66 0.70 -6.50 18.01
CA LYS A 66 1.54 -6.67 16.82
C LYS A 66 2.94 -7.25 17.09
N VAL A 67 3.54 -6.85 18.21
CA VAL A 67 4.88 -7.35 18.53
C VAL A 67 4.78 -8.83 18.94
N LYS A 68 3.71 -9.21 19.59
CA LYS A 68 3.47 -10.63 19.91
C LYS A 68 3.24 -11.44 18.63
N ALA A 69 2.55 -10.84 17.66
CA ALA A 69 2.43 -11.51 16.35
C ALA A 69 3.77 -11.71 15.63
N HIS A 70 4.68 -10.73 15.70
CA HIS A 70 6.05 -10.89 15.24
C HIS A 70 6.74 -12.04 15.97
N SER A 71 6.57 -12.08 17.30
CA SER A 71 7.18 -13.14 18.10
C SER A 71 6.68 -14.52 17.64
N GLN A 72 5.39 -14.63 17.44
CA GLN A 72 4.77 -15.90 17.01
C GLN A 72 5.23 -16.34 15.63
N THR A 73 5.36 -15.38 14.71
CA THR A 73 5.92 -15.67 13.41
C THR A 73 7.36 -16.22 13.50
N HIS A 74 8.21 -15.54 14.31
CA HIS A 74 9.56 -16.01 14.48
C HIS A 74 9.67 -17.35 15.13
N ARG A 75 8.78 -17.69 16.06
CA ARG A 75 8.80 -19.00 16.71
C ARG A 75 8.53 -20.07 15.65
N VAL A 76 7.55 -19.80 14.76
CA VAL A 76 7.26 -20.75 13.63
C VAL A 76 8.48 -20.84 12.71
N ASP A 77 9.04 -19.68 12.38
CA ASP A 77 10.20 -19.62 11.46
C ASP A 77 11.42 -20.43 11.95
N LEU A 78 11.71 -20.42 13.27
CA LEU A 78 12.85 -21.16 13.77
C LEU A 78 12.67 -22.65 13.53
N GLY A 79 11.46 -23.16 13.76
CA GLY A 79 11.17 -24.56 13.40
C GLY A 79 11.23 -24.82 11.90
N THR A 80 10.69 -23.90 11.10
CA THR A 80 10.65 -24.12 9.64
C THR A 80 12.10 -24.16 9.07
N LEU A 81 12.93 -23.25 9.55
CA LEU A 81 14.31 -23.07 9.04
C LEU A 81 15.14 -24.25 9.49
N ARG A 82 14.88 -24.76 10.70
CA ARG A 82 15.61 -25.92 11.15
C ARG A 82 15.30 -27.11 10.20
N GLY A 83 14.07 -27.16 9.74
CA GLY A 83 13.62 -28.16 8.76
C GLY A 83 14.27 -27.95 7.39
N TYR A 84 14.23 -26.73 6.90
CA TYR A 84 14.76 -26.43 5.56
C TYR A 84 16.22 -26.81 5.42
N TYR A 85 16.99 -26.57 6.51
CA TYR A 85 18.44 -26.88 6.53
C TYR A 85 18.73 -28.21 7.19
N ASN A 86 17.70 -28.97 7.58
CA ASN A 86 17.85 -30.27 8.31
C ASN A 86 18.87 -30.22 9.45
N GLN A 87 18.76 -29.18 10.27
CA GLN A 87 19.65 -29.02 11.41
C GLN A 87 19.15 -29.86 12.60
N SER A 88 20.06 -30.27 13.42
CA SER A 88 19.69 -31.03 14.59
C SER A 88 18.96 -30.20 15.63
N GLU A 89 18.35 -30.90 16.57
CA GLU A 89 17.69 -30.25 17.69
C GLU A 89 18.68 -29.72 18.77
N ALA A 90 19.94 -30.10 18.70
CA ALA A 90 20.93 -29.80 19.78
C ALA A 90 21.40 -28.35 19.78
N GLY A 91 21.37 -27.68 18.65
CA GLY A 91 22.00 -26.37 18.46
C GLY A 91 21.05 -25.22 18.55
N SER A 92 21.51 -24.09 19.12
CA SER A 92 20.79 -22.85 19.04
C SER A 92 20.99 -22.13 17.68
N HIS A 93 19.93 -21.57 17.15
CA HIS A 93 19.93 -20.77 15.92
C HIS A 93 19.29 -19.44 16.13
N THR A 94 19.61 -18.49 15.25
CA THR A 94 19.17 -17.13 15.38
C THR A 94 18.46 -16.63 14.15
N VAL A 95 17.33 -15.97 14.32
CA VAL A 95 16.73 -15.19 13.25
C VAL A 95 16.84 -13.69 13.60
N GLN A 96 17.17 -12.88 12.61
CA GLN A 96 17.16 -11.43 12.75
C GLN A 96 16.36 -10.82 11.64
N ARG A 97 15.61 -9.75 11.95
CA ARG A 97 14.82 -9.01 10.96
C ARG A 97 14.95 -7.51 11.21
N MET A 98 15.09 -6.74 10.15
CA MET A 98 15.13 -5.30 10.26
C MET A 98 14.25 -4.72 9.17
N TYR A 99 13.39 -3.79 9.47
CA TYR A 99 12.71 -3.03 8.46
C TYR A 99 12.52 -1.61 8.85
N GLY A 100 12.24 -0.77 7.87
CA GLY A 100 11.97 0.61 8.15
C GLY A 100 11.98 1.47 6.95
N CYS A 101 11.94 2.77 7.18
CA CYS A 101 11.82 3.70 6.10
C CYS A 101 12.65 4.92 6.38
N ASP A 102 13.11 5.56 5.32
CA ASP A 102 13.79 6.85 5.36
C ASP A 102 12.95 7.91 4.68
N VAL A 103 13.06 9.15 5.19
CA VAL A 103 12.47 10.32 4.57
C VAL A 103 13.56 11.37 4.41
N GLY A 104 13.41 12.22 3.41
CA GLY A 104 14.34 13.35 3.18
C GLY A 104 14.04 14.56 4.02
N SER A 105 14.69 15.68 3.70
CA SER A 105 14.53 16.92 4.45
C SER A 105 13.13 17.51 4.42
N ASP A 106 12.38 17.17 3.38
CA ASP A 106 10.98 17.57 3.26
C ASP A 106 10.04 16.54 3.94
N TRP A 107 10.61 15.58 4.64
CA TRP A 107 9.88 14.46 5.32
C TRP A 107 9.05 13.61 4.35
N ARG A 108 9.41 13.58 3.08
CA ARG A 108 8.74 12.70 2.14
C ARG A 108 9.56 11.43 1.96
N PHE A 109 8.83 10.34 1.71
CA PHE A 109 9.40 9.03 1.47
C PHE A 109 10.58 9.05 0.53
N LEU A 110 11.68 8.42 0.96
CA LEU A 110 12.89 8.33 0.15
C LEU A 110 13.21 6.86 -0.20
N ARG A 111 13.22 5.98 0.80
CA ARG A 111 13.38 4.57 0.60
C ARG A 111 12.81 3.76 1.74
N GLY A 112 12.67 2.47 1.46
CA GLY A 112 12.14 1.54 2.44
C GLY A 112 12.96 0.25 2.32
N TYR A 113 12.92 -0.58 3.33
CA TYR A 113 13.74 -1.81 3.35
C TYR A 113 13.21 -2.82 4.31
N HIS A 114 13.50 -4.08 4.03
CA HIS A 114 13.17 -5.18 4.91
C HIS A 114 14.18 -6.28 4.63
N GLN A 115 14.95 -6.66 5.66
N GLN A 115 14.95 -6.66 5.66
CA GLN A 115 16.06 -7.63 5.56
CA GLN A 115 16.05 -7.63 5.55
C GLN A 115 15.82 -8.70 6.60
C GLN A 115 15.82 -8.70 6.60
N TYR A 116 16.18 -9.94 6.26
CA TYR A 116 15.97 -11.09 7.18
C TYR A 116 17.23 -11.91 7.06
N ALA A 117 17.71 -12.39 8.21
CA ALA A 117 18.94 -13.17 8.31
C ALA A 117 18.66 -14.42 9.14
N TYR A 118 19.33 -15.48 8.77
CA TYR A 118 19.36 -16.67 9.57
C TYR A 118 20.83 -17.00 9.89
N ASP A 119 21.08 -17.25 11.17
CA ASP A 119 22.41 -17.55 11.72
C ASP A 119 23.53 -16.54 11.26
N GLY A 120 23.15 -15.29 11.22
CA GLY A 120 24.05 -14.21 10.97
C GLY A 120 24.39 -13.88 9.53
N LYS A 121 23.68 -14.49 8.59
CA LYS A 121 23.87 -14.25 7.16
C LYS A 121 22.55 -13.95 6.49
N ASP A 122 22.62 -13.16 5.45
CA ASP A 122 21.42 -12.76 4.64
C ASP A 122 20.67 -14.02 4.24
N TYR A 123 19.32 -13.98 4.40
CA TYR A 123 18.44 -15.08 3.96
C TYR A 123 17.54 -14.59 2.84
N ILE A 124 16.81 -13.51 3.07
CA ILE A 124 15.95 -12.94 2.00
C ILE A 124 15.83 -11.47 2.30
N ALA A 125 15.85 -10.67 1.27
CA ALA A 125 15.69 -9.23 1.38
C ALA A 125 14.69 -8.69 0.30
N LEU A 126 14.01 -7.61 0.66
CA LEU A 126 13.18 -6.90 -0.27
C LEU A 126 14.11 -6.03 -1.13
N LYS A 127 13.90 -6.06 -2.42
CA LYS A 127 14.69 -5.21 -3.32
C LYS A 127 14.31 -3.75 -3.17
N GLU A 128 15.17 -2.87 -3.69
CA GLU A 128 14.99 -1.44 -3.57
C GLU A 128 13.63 -0.96 -4.16
N ASP A 129 13.17 -1.59 -5.24
CA ASP A 129 11.88 -1.23 -5.82
C ASP A 129 10.67 -1.61 -4.95
N LEU A 130 10.89 -2.37 -3.88
CA LEU A 130 9.81 -2.79 -2.97
C LEU A 130 8.77 -3.69 -3.65
N ARG A 131 9.13 -4.34 -4.75
CA ARG A 131 8.20 -5.20 -5.51
C ARG A 131 8.60 -6.67 -5.63
N SER A 132 9.81 -7.01 -5.24
CA SER A 132 10.36 -8.35 -5.44
C SER A 132 11.45 -8.61 -4.41
N TRP A 133 11.84 -9.88 -4.33
CA TRP A 133 12.74 -10.38 -3.32
C TRP A 133 14.03 -10.88 -3.91
N THR A 134 15.10 -10.84 -3.11
CA THR A 134 16.36 -11.49 -3.38
C THR A 134 16.55 -12.55 -2.33
N ALA A 135 16.68 -13.80 -2.80
CA ALA A 135 16.90 -14.94 -1.95
C ALA A 135 18.36 -15.35 -1.99
N ALA A 136 18.93 -15.64 -0.81
CA ALA A 136 20.38 -15.88 -0.73
C ALA A 136 20.79 -17.29 -1.23
N ASP A 137 19.91 -18.28 -1.11
CA ASP A 137 20.22 -19.64 -1.44
C ASP A 137 18.92 -20.44 -1.81
N MET A 138 19.08 -21.74 -1.98
N MET A 138 19.07 -21.74 -1.98
CA MET A 138 18.00 -22.60 -2.48
CA MET A 138 17.97 -22.58 -2.47
C MET A 138 16.82 -22.69 -1.45
C MET A 138 16.82 -22.69 -1.45
N ALA A 139 17.13 -22.71 -0.16
CA ALA A 139 16.09 -22.74 0.90
C ALA A 139 15.31 -21.42 0.90
N ALA A 140 16.04 -20.30 0.73
CA ALA A 140 15.34 -19.03 0.71
C ALA A 140 14.46 -18.87 -0.55
N GLN A 141 14.80 -19.58 -1.64
CA GLN A 141 13.93 -19.59 -2.81
C GLN A 141 12.54 -20.14 -2.50
N THR A 142 12.47 -21.15 -1.64
CA THR A 142 11.17 -21.68 -1.16
C THR A 142 10.33 -20.54 -0.51
N THR A 143 10.99 -19.78 0.34
CA THR A 143 10.34 -18.67 1.04
C THR A 143 9.91 -17.60 0.04
N LYS A 144 10.78 -17.31 -0.92
CA LYS A 144 10.46 -16.29 -1.92
C LYS A 144 9.17 -16.70 -2.67
N HIS A 145 9.08 -17.94 -3.08
CA HIS A 145 7.87 -18.43 -3.78
C HIS A 145 6.58 -18.35 -2.93
N LYS A 146 6.69 -18.69 -1.64
CA LYS A 146 5.58 -18.54 -0.68
C LYS A 146 5.16 -17.08 -0.56
N TRP A 147 6.12 -16.19 -0.50
CA TRP A 147 5.82 -14.81 -0.27
C TRP A 147 5.26 -14.12 -1.51
N GLU A 148 5.66 -14.62 -2.67
CA GLU A 148 5.09 -14.18 -3.96
C GLU A 148 3.62 -14.62 -4.06
N ALA A 149 3.36 -15.88 -3.70
CA ALA A 149 2.01 -16.42 -3.75
C ALA A 149 1.03 -15.67 -2.77
N ALA A 150 1.55 -15.23 -1.65
CA ALA A 150 0.77 -14.49 -0.65
C ALA A 150 0.85 -12.96 -0.83
N HIS A 151 1.47 -12.47 -1.92
CA HIS A 151 1.56 -11.02 -2.17
C HIS A 151 2.07 -10.24 -0.95
N VAL A 152 3.07 -10.76 -0.26
CA VAL A 152 3.69 -10.13 0.91
C VAL A 152 4.29 -8.77 0.52
N ALA A 153 4.95 -8.70 -0.63
CA ALA A 153 5.66 -7.44 -0.95
C ALA A 153 4.67 -6.31 -1.09
N GLU A 154 3.49 -6.58 -1.70
CA GLU A 154 2.52 -5.55 -1.88
C GLU A 154 2.06 -4.91 -0.56
N GLN A 155 1.72 -5.76 0.41
CA GLN A 155 1.23 -5.23 1.70
C GLN A 155 2.37 -4.64 2.54
N LEU A 156 3.57 -5.18 2.37
CA LEU A 156 4.75 -4.67 3.09
C LEU A 156 5.08 -3.25 2.51
N ARG A 157 4.99 -3.14 1.20
CA ARG A 157 5.22 -1.82 0.56
C ARG A 157 4.18 -0.79 1.01
N ALA A 158 2.94 -1.21 1.16
CA ALA A 158 1.92 -0.30 1.68
C ALA A 158 2.28 0.30 3.05
N TYR A 159 2.76 -0.56 3.92
CA TYR A 159 3.30 -0.14 5.24
C TYR A 159 4.54 0.79 5.07
N LEU A 160 5.52 0.34 4.32
CA LEU A 160 6.79 1.09 4.18
C LEU A 160 6.62 2.46 3.57
N GLU A 161 5.72 2.61 2.58
CA GLU A 161 5.51 3.94 1.95
C GLU A 161 4.37 4.73 2.59
N GLY A 162 3.56 4.11 3.43
CA GLY A 162 2.38 4.73 4.01
C GLY A 162 2.50 4.93 5.49
N THR A 163 2.04 3.94 6.24
CA THR A 163 2.05 3.93 7.67
C THR A 163 3.40 4.31 8.29
N CYS A 164 4.46 3.70 7.81
CA CYS A 164 5.82 3.93 8.36
C CYS A 164 6.18 5.41 8.31
N VAL A 165 5.97 6.03 7.16
N VAL A 165 5.96 6.03 7.16
CA VAL A 165 6.36 7.45 6.98
CA VAL A 165 6.33 7.43 6.92
C VAL A 165 5.40 8.38 7.72
C VAL A 165 5.41 8.37 7.72
N GLU A 166 4.12 8.03 7.76
CA GLU A 166 3.12 8.84 8.50
C GLU A 166 3.40 8.86 10.02
N TRP A 167 3.67 7.71 10.58
CA TRP A 167 4.03 7.61 12.01
C TRP A 167 5.43 8.22 12.33
N LEU A 168 6.39 8.07 11.45
CA LEU A 168 7.69 8.75 11.60
C LEU A 168 7.51 10.23 11.70
N ARG A 169 6.72 10.80 10.81
CA ARG A 169 6.44 12.22 10.89
C ARG A 169 5.76 12.66 12.18
N ARG A 170 4.81 11.87 12.66
CA ARG A 170 4.13 12.15 13.93
C ARG A 170 5.17 12.20 15.07
N TYR A 171 6.07 11.20 15.07
CA TYR A 171 7.10 11.08 16.11
C TYR A 171 8.05 12.27 16.07
N LEU A 172 8.43 12.66 14.86
CA LEU A 172 9.32 13.81 14.69
C LEU A 172 8.72 15.08 15.22
N GLU A 173 7.42 15.29 15.00
CA GLU A 173 6.75 16.47 15.53
C GLU A 173 6.59 16.36 17.05
N ASN A 174 6.10 15.23 17.59
CA ASN A 174 5.94 15.08 19.03
C ASN A 174 7.28 15.13 19.81
N GLY A 175 8.33 14.54 19.24
CA GLY A 175 9.64 14.55 19.87
C GLY A 175 10.55 15.67 19.37
N LYS A 176 9.97 16.73 18.82
CA LYS A 176 10.78 17.73 18.12
C LYS A 176 11.94 18.29 18.91
N GLU A 177 11.70 18.63 20.19
CA GLU A 177 12.72 19.27 21.04
C GLU A 177 14.02 18.46 21.24
N THR A 178 13.96 17.15 21.02
CA THR A 178 15.16 16.29 21.06
C THR A 178 15.45 15.52 19.76
N LEU A 179 14.44 15.07 19.00
CA LEU A 179 14.72 14.35 17.75
C LEU A 179 15.20 15.18 16.56
N GLN A 180 14.75 16.43 16.44
CA GLN A 180 15.18 17.32 15.33
C GLN A 180 16.29 18.25 15.74
N ARG A 181 17.15 17.78 16.60
CA ARG A 181 18.26 18.54 17.08
C ARG A 181 19.49 17.69 16.74
N THR A 182 20.58 18.35 16.39
CA THR A 182 21.87 17.70 16.22
C THR A 182 22.78 18.30 17.29
N ASP A 183 23.64 17.47 17.84
CA ASP A 183 24.62 17.91 18.87
C ASP A 183 25.96 17.79 18.16
N ALA A 184 26.57 18.95 17.84
CA ALA A 184 27.87 18.94 17.18
C ALA A 184 28.91 18.36 18.14
N PRO A 185 29.91 17.64 17.62
CA PRO A 185 30.92 17.14 18.58
C PRO A 185 31.68 18.25 19.28
N LYS A 186 31.90 18.04 20.57
CA LYS A 186 32.88 18.83 21.35
C LYS A 186 34.25 18.17 21.10
N THR A 187 35.20 18.95 20.60
CA THR A 187 36.46 18.36 20.16
C THR A 187 37.63 18.93 20.93
N HIS A 188 38.67 18.10 21.09
CA HIS A 188 39.95 18.54 21.65
C HIS A 188 41.04 17.55 21.32
N MET A 189 42.29 17.97 21.48
CA MET A 189 43.44 17.10 21.15
C MET A 189 44.29 16.96 22.42
N THR A 190 44.85 15.77 22.63
CA THR A 190 45.84 15.54 23.69
C THR A 190 47.15 15.13 23.05
N HIS A 191 48.23 15.32 23.82
CA HIS A 191 49.58 15.03 23.39
C HIS A 191 50.27 14.25 24.52
N HIS A 192 50.85 13.10 24.20
CA HIS A 192 51.63 12.34 25.17
C HIS A 192 52.95 11.93 24.55
N ALA A 193 54.05 12.38 25.14
CA ALA A 193 55.36 11.96 24.68
C ALA A 193 55.48 10.45 24.96
N VAL A 194 56.07 9.74 24.00
CA VAL A 194 56.40 8.34 24.16
C VAL A 194 57.89 8.16 24.50
N SER A 195 58.77 8.99 23.92
CA SER A 195 60.19 8.93 24.09
C SER A 195 60.73 10.29 23.69
N ASP A 196 62.06 10.42 23.63
CA ASP A 196 62.75 11.58 23.06
C ASP A 196 62.49 11.78 21.56
N HIS A 197 62.06 10.75 20.85
CA HIS A 197 61.88 10.86 19.40
C HIS A 197 60.42 10.67 18.88
N GLU A 198 59.47 10.30 19.73
CA GLU A 198 58.07 10.13 19.27
C GLU A 198 57.05 10.64 20.29
N ALA A 199 55.87 11.00 19.79
CA ALA A 199 54.75 11.39 20.61
C ALA A 199 53.43 10.95 19.99
N THR A 200 52.41 10.76 20.84
CA THR A 200 51.07 10.40 20.38
C THR A 200 50.22 11.65 20.38
N LEU A 201 49.52 11.90 19.27
CA LEU A 201 48.44 12.91 19.25
C LEU A 201 47.13 12.18 19.20
N ARG A 202 46.20 12.59 20.05
CA ARG A 202 44.87 11.97 20.06
C ARG A 202 43.79 13.03 19.88
N CYS A 203 42.95 12.83 18.88
CA CYS A 203 41.83 13.74 18.58
C CYS A 203 40.54 13.13 19.11
N TRP A 204 39.83 13.88 19.97
CA TRP A 204 38.62 13.44 20.62
C TRP A 204 37.40 14.15 20.07
N ALA A 205 36.31 13.38 19.92
CA ALA A 205 34.98 13.92 19.60
C ALA A 205 34.03 13.34 20.61
N LEU A 206 33.41 14.22 21.36
CA LEU A 206 32.51 13.84 22.48
C LEU A 206 31.13 14.48 22.35
N SER A 207 30.16 13.86 22.99
CA SER A 207 28.82 14.40 23.12
C SER A 207 28.10 14.78 21.83
N PHE A 208 28.27 13.94 20.81
CA PHE A 208 27.69 14.18 19.52
C PHE A 208 26.49 13.26 19.22
N TYR A 209 25.64 13.76 18.35
CA TYR A 209 24.38 13.08 17.92
C TYR A 209 23.99 13.73 16.60
N PRO A 210 23.68 12.98 15.55
CA PRO A 210 23.63 11.50 15.56
C PRO A 210 25.02 10.84 15.58
N ALA A 211 25.04 9.50 15.50
CA ALA A 211 26.27 8.73 15.64
C ALA A 211 27.30 8.84 14.44
N GLU A 212 26.80 9.05 13.24
CA GLU A 212 27.63 9.18 12.06
C GLU A 212 28.65 10.33 12.19
N ILE A 213 29.93 10.00 12.00
CA ILE A 213 31.04 10.96 12.17
C ILE A 213 32.24 10.44 11.40
N THR A 214 33.07 11.34 10.89
CA THR A 214 34.33 10.92 10.26
C THR A 214 35.45 11.72 10.95
N LEU A 215 36.44 11.00 11.48
CA LEU A 215 37.69 11.57 12.05
C LEU A 215 38.82 11.05 11.25
N THR A 216 39.63 11.95 10.74
CA THR A 216 40.74 11.54 9.86
C THR A 216 41.95 12.40 10.23
N TRP A 217 43.13 11.80 10.17
CA TRP A 217 44.41 12.53 10.37
C TRP A 217 45.01 12.76 9.02
N GLN A 218 45.60 13.95 8.83
CA GLN A 218 46.39 14.27 7.66
C GLN A 218 47.79 14.74 8.07
N ARG A 219 48.79 14.46 7.26
CA ARG A 219 50.16 14.96 7.48
C ARG A 219 50.49 15.80 6.24
N ASP A 220 50.80 17.08 6.45
CA ASP A 220 51.07 18.01 5.30
C ASP A 220 49.91 17.95 4.32
N GLY A 221 48.69 17.89 4.86
CA GLY A 221 47.47 17.83 4.05
C GLY A 221 47.20 16.55 3.23
N GLU A 222 47.90 15.47 3.52
CA GLU A 222 47.72 14.18 2.84
C GLU A 222 47.14 13.18 3.83
N ASP A 223 46.13 12.42 3.41
CA ASP A 223 45.47 11.45 4.28
C ASP A 223 46.51 10.46 4.80
N GLN A 224 46.36 10.12 6.07
CA GLN A 224 47.36 9.37 6.81
C GLN A 224 46.63 8.27 7.56
N THR A 225 46.84 7.02 7.18
CA THR A 225 46.41 5.88 8.01
C THR A 225 47.59 5.02 8.52
N GLN A 226 48.80 5.22 8.01
CA GLN A 226 49.96 4.57 8.62
C GLN A 226 50.17 5.16 10.03
N ASP A 227 50.47 4.29 10.99
CA ASP A 227 50.75 4.69 12.37
C ASP A 227 49.56 5.45 13.05
N THR A 228 48.33 5.22 12.51
CA THR A 228 47.01 5.70 13.01
C THR A 228 46.29 4.57 13.82
N GLU A 229 45.25 4.96 14.53
CA GLU A 229 44.47 4.04 15.38
C GLU A 229 43.17 4.76 15.68
N LEU A 230 42.06 4.07 15.41
CA LEU A 230 40.69 4.66 15.39
C LEU A 230 39.85 3.68 16.26
N VAL A 231 39.05 4.15 17.21
CA VAL A 231 38.11 3.25 17.89
C VAL A 231 36.78 3.36 17.21
N GLU A 232 35.95 2.32 17.35
N GLU A 232 35.95 2.32 17.35
CA GLU A 232 34.58 2.36 16.88
CA GLU A 232 34.60 2.39 16.84
C GLU A 232 33.87 3.44 17.68
C GLU A 232 33.87 3.44 17.66
N THR A 233 32.98 4.16 17.02
CA THR A 233 32.09 5.09 17.68
C THR A 233 31.26 4.36 18.77
N ARG A 234 31.11 4.95 19.93
CA ARG A 234 30.59 4.25 21.09
C ARG A 234 29.57 5.16 21.80
N PRO A 235 28.54 4.58 22.40
CA PRO A 235 27.56 5.32 23.13
C PRO A 235 28.06 5.78 24.50
N ALA A 236 27.77 7.05 24.82
CA ALA A 236 28.06 7.59 26.14
C ALA A 236 27.11 7.06 27.22
N GLY A 237 25.92 6.67 26.82
CA GLY A 237 24.84 6.16 27.70
C GLY A 237 23.74 7.19 27.96
N ASP A 238 23.99 8.45 27.57
CA ASP A 238 23.07 9.57 27.76
C ASP A 238 22.38 9.97 26.44
N GLY A 239 22.47 9.16 25.40
CA GLY A 239 21.93 9.47 24.10
C GLY A 239 22.93 10.15 23.16
N THR A 240 24.13 10.45 23.61
CA THR A 240 25.19 10.94 22.70
C THR A 240 26.28 9.90 22.47
N PHE A 241 27.22 10.23 21.59
CA PHE A 241 28.23 9.30 21.14
C PHE A 241 29.64 9.89 21.32
N GLN A 242 30.65 9.02 21.27
CA GLN A 242 32.05 9.39 21.48
C GLN A 242 32.90 8.66 20.48
N LYS A 243 34.06 9.28 20.12
CA LYS A 243 35.04 8.62 19.23
C LYS A 243 36.40 9.29 19.43
N TRP A 244 37.45 8.56 19.19
CA TRP A 244 38.79 9.15 19.09
C TRP A 244 39.62 8.49 18.03
N ALA A 245 40.64 9.27 17.58
CA ALA A 245 41.57 8.81 16.56
C ALA A 245 42.95 9.31 16.98
N ALA A 246 43.93 8.45 16.83
CA ALA A 246 45.30 8.80 17.22
C ALA A 246 46.36 8.47 16.14
N VAL A 247 47.47 9.20 16.22
CA VAL A 247 48.64 9.04 15.35
C VAL A 247 49.92 9.19 16.21
N VAL A 248 50.94 8.41 15.87
N VAL A 248 50.94 8.41 15.87
CA VAL A 248 52.28 8.56 16.47
CA VAL A 248 52.28 8.57 16.48
C VAL A 248 53.13 9.36 15.51
C VAL A 248 53.13 9.36 15.51
N VAL A 249 53.70 10.45 16.02
CA VAL A 249 54.42 11.40 15.18
C VAL A 249 55.85 11.59 15.71
N PRO A 250 56.80 12.03 14.85
CA PRO A 250 58.12 12.42 15.36
C PRO A 250 58.02 13.66 16.29
N SER A 251 58.78 13.65 17.38
CA SER A 251 58.92 14.83 18.25
C SER A 251 59.37 16.05 17.44
N GLY A 252 58.72 17.20 17.63
CA GLY A 252 59.07 18.42 16.85
C GLY A 252 58.25 18.54 15.57
N GLN A 253 57.53 17.49 15.18
CA GLN A 253 56.74 17.55 13.92
C GLN A 253 55.25 17.59 14.15
N GLU A 254 54.84 17.84 15.39
CA GLU A 254 53.40 17.80 15.74
C GLU A 254 52.56 18.73 14.83
N GLN A 255 53.11 19.88 14.49
CA GLN A 255 52.32 20.87 13.73
C GLN A 255 52.12 20.51 12.23
N ARG A 256 52.75 19.47 11.75
CA ARG A 256 52.52 19.01 10.42
C ARG A 256 51.24 18.18 10.33
N TYR A 257 50.71 17.77 11.46
CA TYR A 257 49.51 16.94 11.51
C TYR A 257 48.26 17.74 11.81
N THR A 258 47.17 17.40 11.11
CA THR A 258 45.86 17.93 11.38
C THR A 258 44.83 16.82 11.52
N CYS A 259 43.89 17.03 12.44
CA CYS A 259 42.72 16.16 12.64
C CYS A 259 41.47 16.81 12.02
N HIS A 260 40.75 16.07 11.18
CA HIS A 260 39.64 16.60 10.36
C HIS A 260 38.37 15.92 10.85
N VAL A 261 37.39 16.71 11.26
CA VAL A 261 36.14 16.22 11.80
C VAL A 261 34.96 16.63 10.92
N GLN A 262 34.18 15.64 10.50
CA GLN A 262 32.99 15.85 9.68
C GLN A 262 31.78 15.30 10.44
N HIS A 263 30.74 16.12 10.56
CA HIS A 263 29.52 15.72 11.33
C HIS A 263 28.42 16.61 10.88
N GLU A 264 27.22 16.01 10.74
CA GLU A 264 25.99 16.73 10.31
C GLU A 264 25.71 17.99 11.14
N GLY A 265 26.10 17.97 12.41
CA GLY A 265 25.98 19.08 13.31
C GLY A 265 26.92 20.27 13.11
N LEU A 266 27.90 20.12 12.23
CA LEU A 266 28.89 21.16 12.02
C LEU A 266 28.55 21.91 10.76
N PRO A 267 28.47 23.24 10.84
CA PRO A 267 28.25 23.94 9.59
C PRO A 267 29.39 23.77 8.57
N LYS A 268 30.62 23.55 9.02
CA LYS A 268 31.75 23.25 8.10
C LYS A 268 32.58 22.19 8.83
N PRO A 269 33.30 21.34 8.08
CA PRO A 269 34.23 20.42 8.76
C PRO A 269 35.29 21.17 9.57
N LEU A 270 35.71 20.59 10.68
CA LEU A 270 36.72 21.21 11.54
C LEU A 270 38.08 20.66 11.19
N THR A 271 39.07 21.51 11.26
CA THR A 271 40.47 21.09 11.24
C THR A 271 41.07 21.49 12.59
N LEU A 272 41.65 20.54 13.31
CA LEU A 272 42.39 20.81 14.54
C LEU A 272 43.89 20.58 14.32
N ARG A 273 44.69 21.43 14.94
CA ARG A 273 46.15 21.31 14.91
C ARG A 273 46.65 21.50 16.33
N TRP A 274 47.63 20.71 16.75
CA TRP A 274 48.16 20.78 18.12
C TRP A 274 48.88 22.14 18.26
N GLU A 275 48.53 22.93 19.25
CA GLU A 275 49.24 24.18 19.57
C GLU A 275 49.73 23.94 21.00
N PRO A 276 51.05 23.82 21.20
CA PRO A 276 51.60 23.40 22.50
C PRO A 276 50.76 23.85 23.75
N MET B 1 26.83 -21.60 9.78
N MET B 1 27.34 -21.96 10.52
CA MET B 1 26.96 -20.93 11.07
CA MET B 1 27.15 -21.06 11.67
C MET B 1 28.10 -19.92 10.90
C MET B 1 28.27 -20.00 11.62
N ILE B 2 27.92 -18.73 11.48
CA ILE B 2 29.03 -17.73 11.61
C ILE B 2 29.34 -17.50 13.11
N GLN B 3 30.61 -17.34 13.47
CA GLN B 3 30.92 -16.86 14.82
C GLN B 3 31.80 -15.62 14.71
N ARG B 4 31.52 -14.60 15.49
CA ARG B 4 32.31 -13.37 15.48
C ARG B 4 32.69 -13.01 16.92
N THR B 5 33.99 -12.74 17.19
CA THR B 5 34.40 -12.48 18.50
C THR B 5 34.12 -10.97 18.88
N PRO B 6 33.76 -10.70 20.11
CA PRO B 6 33.41 -9.33 20.48
C PRO B 6 34.61 -8.36 20.53
N LYS B 7 34.33 -7.13 20.16
CA LYS B 7 35.24 -6.01 20.43
C LYS B 7 34.74 -5.44 21.75
N ILE B 8 35.63 -4.91 22.59
CA ILE B 8 35.29 -4.45 23.89
C ILE B 8 35.96 -3.07 24.10
N GLN B 9 35.20 -2.10 24.54
CA GLN B 9 35.69 -0.78 25.06
C GLN B 9 35.16 -0.52 26.46
N VAL B 10 36.08 -0.08 27.35
CA VAL B 10 35.73 0.22 28.75
C VAL B 10 36.10 1.70 28.96
N TYR B 11 35.12 2.51 29.34
CA TYR B 11 35.30 3.94 29.40
C TYR B 11 34.25 4.58 30.29
N SER B 12 34.40 5.83 30.58
CA SER B 12 33.42 6.53 31.43
C SER B 12 32.56 7.42 30.56
N ARG B 13 31.36 7.79 31.06
CA ARG B 13 30.47 8.65 30.32
C ARG B 13 31.05 10.07 30.18
N HIS B 14 31.58 10.58 31.28
CA HIS B 14 32.14 11.90 31.37
C HIS B 14 33.62 11.71 31.71
N PRO B 15 34.45 12.77 31.50
CA PRO B 15 35.84 12.69 31.95
C PRO B 15 35.93 12.33 33.41
N ALA B 16 36.81 11.40 33.75
CA ALA B 16 36.95 10.94 35.12
C ALA B 16 37.55 11.97 36.08
N GLU B 17 36.89 12.18 37.21
CA GLU B 17 37.39 13.03 38.28
C GLU B 17 37.10 12.32 39.60
N ASN B 18 38.13 12.17 40.42
CA ASN B 18 37.99 11.52 41.72
C ASN B 18 36.94 12.22 42.59
N GLY B 19 36.10 11.41 43.23
CA GLY B 19 35.04 11.89 44.08
C GLY B 19 33.82 12.44 43.36
N LYS B 20 33.78 12.44 42.01
CA LYS B 20 32.63 13.00 41.25
C LYS B 20 31.88 11.79 40.69
N SER B 21 30.58 11.75 40.96
CA SER B 21 29.72 10.71 40.36
C SER B 21 29.79 10.65 38.81
N ASN B 22 29.74 9.45 38.26
CA ASN B 22 29.96 9.20 36.84
C ASN B 22 29.28 7.84 36.47
N PHE B 23 29.45 7.39 35.23
CA PHE B 23 29.04 6.06 34.79
C PHE B 23 30.20 5.39 34.15
N LEU B 24 30.40 4.14 34.51
CA LEU B 24 31.38 3.28 33.87
C LEU B 24 30.69 2.39 32.84
N ASN B 25 31.21 2.40 31.61
CA ASN B 25 30.62 1.72 30.46
C ASN B 25 31.52 0.60 29.98
N CYS B 26 30.91 -0.52 29.63
CA CYS B 26 31.55 -1.60 28.91
C CYS B 26 30.70 -1.86 27.63
N TYR B 27 31.22 -1.43 26.46
CA TYR B 27 30.51 -1.53 25.21
C TYR B 27 31.12 -2.72 24.48
N VAL B 28 30.24 -3.70 24.22
CA VAL B 28 30.64 -4.91 23.54
CA VAL B 28 30.64 -4.91 23.55
C VAL B 28 29.92 -4.97 22.18
N SER B 29 30.65 -5.22 21.12
CA SER B 29 30.09 -5.10 19.78
C SER B 29 30.72 -6.06 18.82
N GLY B 30 30.10 -6.21 17.64
CA GLY B 30 30.68 -7.00 16.59
C GLY B 30 30.63 -8.47 16.81
N PHE B 31 29.75 -8.96 17.70
CA PHE B 31 29.77 -10.38 18.05
C PHE B 31 28.58 -11.18 17.50
N HIS B 32 28.77 -12.49 17.39
CA HIS B 32 27.67 -13.41 16.98
C HIS B 32 28.20 -14.77 17.39
N PRO B 33 27.36 -15.65 17.97
CA PRO B 33 25.94 -15.42 18.24
C PRO B 33 25.75 -14.46 19.44
N SER B 34 24.48 -14.27 19.80
CA SER B 34 24.09 -13.23 20.78
C SER B 34 24.35 -13.56 22.22
N ASP B 35 24.50 -14.83 22.60
CA ASP B 35 24.75 -15.20 23.99
C ASP B 35 26.16 -14.69 24.43
N ILE B 36 26.16 -13.87 25.46
CA ILE B 36 27.40 -13.17 25.92
C ILE B 36 27.26 -12.89 27.41
N GLU B 37 28.36 -13.01 28.16
N GLU B 37 28.36 -13.02 28.16
CA GLU B 37 28.40 -12.76 29.61
CA GLU B 37 28.35 -12.72 29.59
C GLU B 37 29.27 -11.51 29.78
C GLU B 37 29.27 -11.52 29.80
N VAL B 38 28.74 -10.48 30.42
CA VAL B 38 29.50 -9.24 30.64
C VAL B 38 29.36 -8.90 32.12
N ASP B 39 30.50 -8.72 32.82
N ASP B 39 30.49 -8.74 32.83
CA ASP B 39 30.48 -8.24 34.20
CA ASP B 39 30.51 -8.29 34.22
C ASP B 39 31.42 -7.07 34.33
C ASP B 39 31.42 -7.06 34.32
N LEU B 40 31.06 -6.09 35.13
CA LEU B 40 31.97 -5.02 35.50
C LEU B 40 32.55 -5.41 36.83
N LEU B 41 33.85 -5.12 37.01
CA LEU B 41 34.60 -5.51 38.16
C LEU B 41 35.23 -4.32 38.89
N LYS B 42 35.19 -4.36 40.22
CA LYS B 42 35.83 -3.34 41.09
C LYS B 42 36.80 -4.08 41.95
N ASN B 43 38.10 -3.76 41.81
CA ASN B 43 39.15 -4.44 42.57
C ASN B 43 38.94 -5.96 42.47
N GLY B 44 38.63 -6.42 41.26
CA GLY B 44 38.47 -7.84 40.93
C GLY B 44 37.09 -8.49 41.31
N GLU B 45 36.22 -7.76 42.02
CA GLU B 45 34.93 -8.34 42.47
C GLU B 45 33.79 -7.84 41.62
N ARG B 46 32.85 -8.70 41.24
CA ARG B 46 31.79 -8.25 40.37
C ARG B 46 30.92 -7.19 41.02
N ILE B 47 30.48 -6.24 40.22
CA ILE B 47 29.58 -5.19 40.64
C ILE B 47 28.14 -5.68 40.32
N GLU B 48 27.25 -5.63 41.34
CA GLU B 48 25.89 -6.16 41.08
C GLU B 48 25.00 -5.19 40.29
N LYS B 49 25.03 -3.91 40.70
CA LYS B 49 24.08 -2.94 40.19
C LYS B 49 24.52 -2.41 38.80
N VAL B 50 24.41 -3.26 37.81
CA VAL B 50 24.83 -2.96 36.44
C VAL B 50 23.59 -3.05 35.55
N GLU B 51 23.38 -2.04 34.72
CA GLU B 51 22.31 -2.08 33.75
C GLU B 51 22.81 -2.42 32.35
N HIS B 52 21.90 -2.81 31.44
CA HIS B 52 22.33 -3.03 30.08
C HIS B 52 21.28 -2.55 29.09
N SER B 53 21.73 -2.21 27.90
CA SER B 53 20.87 -1.78 26.83
C SER B 53 20.13 -3.00 26.21
N ASP B 54 19.11 -2.71 25.43
CA ASP B 54 18.41 -3.75 24.67
C ASP B 54 19.23 -4.23 23.47
N LEU B 55 19.39 -5.54 23.33
CA LEU B 55 20.08 -6.11 22.21
C LEU B 55 19.62 -5.54 20.84
N SER B 56 20.60 -5.13 20.07
CA SER B 56 20.40 -4.66 18.72
C SER B 56 21.59 -5.11 17.87
N PHE B 57 21.60 -4.74 16.61
CA PHE B 57 22.61 -5.22 15.68
C PHE B 57 22.89 -4.21 14.56
N SER B 58 24.07 -4.41 13.98
CA SER B 58 24.60 -3.52 12.95
C SER B 58 24.30 -3.99 11.55
N LYS B 59 24.77 -3.24 10.55
CA LYS B 59 24.51 -3.57 9.15
C LYS B 59 25.02 -4.95 8.71
N ASP B 60 26.07 -5.44 9.31
CA ASP B 60 26.55 -6.79 8.99
C ASP B 60 25.93 -7.90 9.86
N TRP B 61 24.86 -7.57 10.61
CA TRP B 61 24.12 -8.48 11.53
C TRP B 61 24.81 -8.80 12.83
N SER B 62 25.99 -8.27 13.08
CA SER B 62 26.64 -8.49 14.37
C SER B 62 25.96 -7.64 15.48
N PHE B 63 25.94 -8.21 16.69
CA PHE B 63 25.23 -7.67 17.82
C PHE B 63 26.08 -6.63 18.59
N TYR B 64 25.42 -5.75 19.33
CA TYR B 64 26.07 -4.88 20.28
C TYR B 64 25.20 -4.61 21.49
N LEU B 65 25.86 -4.41 22.64
CA LEU B 65 25.25 -4.15 23.93
C LEU B 65 26.13 -3.16 24.69
N LEU B 66 25.54 -2.29 25.44
CA LEU B 66 26.19 -1.44 26.43
C LEU B 66 25.81 -1.91 27.82
N TYR B 67 26.81 -2.24 28.67
CA TYR B 67 26.61 -2.46 30.09
C TYR B 67 27.13 -1.24 30.84
N TYR B 68 26.46 -0.78 31.88
CA TYR B 68 26.91 0.43 32.57
C TYR B 68 26.49 0.44 34.07
N THR B 69 27.24 1.20 34.89
CA THR B 69 26.98 1.30 36.30
C THR B 69 27.34 2.69 36.79
N GLU B 70 26.55 3.21 37.71
CA GLU B 70 26.87 4.50 38.39
C GLU B 70 28.06 4.23 39.32
N PHE B 71 29.08 5.09 39.32
CA PHE B 71 30.21 4.92 40.24
C PHE B 71 30.87 6.26 40.53
N THR B 72 31.69 6.26 41.55
CA THR B 72 32.45 7.43 41.94
C THR B 72 33.93 6.98 41.90
N PRO B 73 34.70 7.42 40.91
CA PRO B 73 36.14 7.10 40.87
C PRO B 73 36.86 7.62 42.11
N THR B 74 37.76 6.82 42.67
CA THR B 74 38.72 7.27 43.71
C THR B 74 40.16 6.85 43.33
N GLU B 75 41.14 7.47 44.01
CA GLU B 75 42.55 7.07 43.86
C GLU B 75 42.84 5.59 43.87
N LYS B 76 42.27 4.89 44.82
CA LYS B 76 42.63 3.50 45.17
C LYS B 76 42.00 2.49 44.20
N ASP B 77 40.87 2.84 43.60
CA ASP B 77 40.00 1.77 42.99
C ASP B 77 40.36 1.46 41.56
N GLU B 78 40.40 0.16 41.24
CA GLU B 78 40.64 -0.29 39.85
C GLU B 78 39.36 -0.94 39.31
N TYR B 79 39.07 -0.66 38.08
CA TYR B 79 37.86 -1.25 37.38
C TYR B 79 38.24 -1.99 36.13
N ALA B 80 37.39 -2.92 35.70
CA ALA B 80 37.60 -3.72 34.51
C ALA B 80 36.27 -4.28 34.03
N CYS B 81 36.25 -4.78 32.81
CA CYS B 81 35.10 -5.52 32.28
C CYS B 81 35.56 -6.91 31.93
N ARG B 82 34.76 -7.93 32.31
N ARG B 82 34.77 -7.93 32.33
CA ARG B 82 35.06 -9.30 32.04
CA ARG B 82 35.06 -9.30 32.02
C ARG B 82 34.00 -9.80 31.02
C ARG B 82 34.00 -9.79 31.02
N VAL B 83 34.43 -10.37 29.90
CA VAL B 83 33.51 -10.80 28.83
C VAL B 83 33.77 -12.27 28.54
N ASN B 84 32.71 -13.07 28.47
CA ASN B 84 32.87 -14.43 28.01
C ASN B 84 31.91 -14.67 26.83
N HIS B 85 32.38 -15.43 25.84
CA HIS B 85 31.61 -15.67 24.60
C HIS B 85 32.14 -16.94 24.05
N VAL B 86 31.33 -17.61 23.23
CA VAL B 86 31.73 -18.89 22.65
C VAL B 86 33.05 -18.85 21.85
N THR B 87 33.38 -17.71 21.29
CA THR B 87 34.62 -17.55 20.52
C THR B 87 35.88 -17.41 21.38
N LEU B 88 35.74 -17.25 22.69
CA LEU B 88 36.89 -17.02 23.58
C LEU B 88 37.28 -18.29 24.28
N SER B 89 38.55 -18.66 24.21
CA SER B 89 39.04 -19.86 24.95
C SER B 89 39.05 -19.61 26.47
N GLN B 90 39.09 -18.38 26.89
CA GLN B 90 38.87 -18.03 28.29
C GLN B 90 38.36 -16.61 28.31
N PRO B 91 37.66 -16.22 29.37
CA PRO B 91 37.15 -14.90 29.46
C PRO B 91 38.20 -13.79 29.34
N LYS B 92 37.81 -12.71 28.71
CA LYS B 92 38.68 -11.59 28.45
C LYS B 92 38.40 -10.54 29.47
N ILE B 93 39.46 -10.04 30.12
CA ILE B 93 39.30 -8.98 31.09
C ILE B 93 40.01 -7.72 30.53
N VAL B 94 39.28 -6.64 30.36
CA VAL B 94 39.78 -5.41 29.82
C VAL B 94 39.73 -4.36 30.94
N LYS B 95 40.91 -3.79 31.27
CA LYS B 95 41.02 -2.81 32.38
C LYS B 95 40.49 -1.45 31.93
N TRP B 96 39.85 -0.71 32.83
CA TRP B 96 39.49 0.66 32.57
C TRP B 96 40.73 1.56 32.63
N ASP B 97 41.08 2.17 31.51
CA ASP B 97 42.17 3.17 31.47
C ASP B 97 41.43 4.52 31.53
N ARG B 98 41.62 5.22 32.63
CA ARG B 98 40.89 6.45 32.95
C ARG B 98 41.11 7.65 32.01
N ASP B 99 42.03 7.57 31.06
CA ASP B 99 42.12 8.64 30.07
C ASP B 99 41.71 8.19 28.65
N MET B 100 40.82 7.19 28.45
CA MET B 100 40.54 6.66 27.08
C MET B 100 39.17 6.09 26.58
N LEU C 1 5.43 3.02 14.57
CA LEU C 1 4.37 2.03 14.59
C LEU C 1 4.82 0.81 13.80
N LEU C 2 4.61 -0.37 14.41
CA LEU C 2 4.96 -1.62 13.79
C LEU C 2 4.13 -1.96 12.55
N TRP C 3 4.72 -2.78 11.67
CA TRP C 3 3.98 -3.46 10.57
C TRP C 3 2.98 -4.43 11.13
N ASN C 4 1.79 -4.53 10.56
CA ASN C 4 0.84 -5.54 11.08
C ASN C 4 0.84 -6.90 10.38
N GLY C 5 1.69 -7.10 9.37
CA GLY C 5 1.55 -8.28 8.46
C GLY C 5 2.69 -9.20 8.26
N PRO C 6 3.56 -9.43 9.29
CA PRO C 6 4.58 -10.41 8.94
C PRO C 6 4.06 -11.79 8.63
N MET C 7 4.74 -12.44 7.70
CA MET C 7 4.38 -13.74 7.16
C MET C 7 5.52 -14.77 7.39
N ALA C 8 5.14 -15.95 7.84
CA ALA C 8 6.08 -17.04 8.10
C ALA C 8 6.91 -17.33 6.81
N VAL C 9 8.19 -17.66 7.01
CA VAL C 9 9.13 -18.07 5.94
C VAL C 9 8.83 -19.49 5.39
N GLY D 1 -16.43 19.58 -10.42
CA GLY D 1 -17.28 18.48 -9.89
C GLY D 1 -16.39 17.32 -9.55
N SER D 2 -17.01 16.28 -9.00
N SER D 2 -16.99 16.31 -8.93
CA SER D 2 -16.30 15.09 -8.63
CA SER D 2 -16.28 15.10 -8.57
C SER D 2 -16.06 14.17 -9.83
C SER D 2 -16.07 14.17 -9.79
N HIS D 3 -15.15 13.21 -9.67
CA HIS D 3 -14.82 12.31 -10.76
C HIS D 3 -14.57 10.93 -10.20
N SER D 4 -14.56 9.94 -11.06
CA SER D 4 -14.27 8.58 -10.65
C SER D 4 -13.47 7.82 -11.71
N MET D 5 -12.80 6.76 -11.28
CA MET D 5 -12.19 5.75 -12.17
C MET D 5 -12.63 4.40 -11.69
N ARG D 6 -13.21 3.63 -12.56
CA ARG D 6 -13.74 2.33 -12.20
C ARG D 6 -13.35 1.29 -13.22
N TYR D 7 -13.08 0.09 -12.76
CA TYR D 7 -12.90 -1.07 -13.60
C TYR D 7 -13.96 -2.13 -13.27
N PHE D 8 -14.47 -2.78 -14.32
CA PHE D 8 -15.55 -3.72 -14.27
C PHE D 8 -15.05 -4.98 -14.95
N PHE D 9 -15.16 -6.12 -14.27
CA PHE D 9 -14.74 -7.38 -14.83
C PHE D 9 -15.86 -8.38 -14.75
N THR D 10 -16.08 -9.09 -15.84
CA THR D 10 -17.09 -10.17 -15.90
C THR D 10 -16.41 -11.45 -16.35
N SER D 11 -16.69 -12.53 -15.64
CA SER D 11 -16.18 -13.84 -16.01
C SER D 11 -17.28 -14.85 -15.99
N VAL D 12 -17.42 -15.60 -17.06
CA VAL D 12 -18.52 -16.52 -17.26
C VAL D 12 -18.05 -17.86 -17.63
N SER D 13 -18.43 -18.87 -16.82
CA SER D 13 -18.09 -20.23 -17.22
C SER D 13 -18.90 -20.84 -18.37
N ARG D 14 -18.29 -21.74 -19.13
CA ARG D 14 -18.85 -22.32 -20.31
C ARG D 14 -18.76 -23.81 -20.31
N PRO D 15 -19.72 -24.45 -19.62
CA PRO D 15 -19.81 -25.89 -19.57
C PRO D 15 -19.77 -26.59 -20.90
N GLY D 16 -18.86 -27.53 -21.03
CA GLY D 16 -18.76 -28.29 -22.27
C GLY D 16 -18.19 -27.50 -23.44
N ARG D 17 -17.76 -26.26 -23.21
CA ARG D 17 -17.30 -25.39 -24.28
C ARG D 17 -15.99 -24.68 -23.96
N GLY D 18 -15.15 -25.27 -23.12
CA GLY D 18 -13.81 -24.68 -22.87
C GLY D 18 -13.64 -23.55 -21.91
N GLU D 19 -12.74 -22.63 -22.26
CA GLU D 19 -12.29 -21.63 -21.40
C GLU D 19 -13.45 -20.57 -21.12
N PRO D 20 -13.48 -20.00 -19.96
CA PRO D 20 -14.52 -18.99 -19.62
C PRO D 20 -14.36 -17.69 -20.39
N ARG D 21 -15.47 -17.03 -20.63
CA ARG D 21 -15.41 -15.70 -21.19
C ARG D 21 -14.87 -14.77 -20.14
N PHE D 22 -14.04 -13.81 -20.53
CA PHE D 22 -13.60 -12.78 -19.66
C PHE D 22 -13.62 -11.44 -20.36
N ILE D 23 -14.25 -10.44 -19.74
CA ILE D 23 -14.36 -9.10 -20.27
C ILE D 23 -14.03 -8.10 -19.23
N ALA D 24 -13.13 -7.18 -19.51
CA ALA D 24 -12.79 -6.12 -18.61
C ALA D 24 -13.00 -4.78 -19.28
N VAL D 25 -13.55 -3.83 -18.54
CA VAL D 25 -13.67 -2.47 -19.07
CA VAL D 25 -13.68 -2.48 -19.08
C VAL D 25 -13.29 -1.44 -18.02
N GLY D 26 -12.68 -0.37 -18.46
CA GLY D 26 -12.32 0.68 -17.59
C GLY D 26 -13.04 1.96 -18.00
N TYR D 27 -13.48 2.74 -16.99
CA TYR D 27 -14.14 4.01 -17.17
C TYR D 27 -13.57 5.15 -16.32
N VAL D 28 -13.51 6.33 -16.89
CA VAL D 28 -13.37 7.56 -16.17
C VAL D 28 -14.74 8.22 -16.30
N ASP D 29 -15.36 8.50 -15.15
CA ASP D 29 -16.72 8.98 -15.07
C ASP D 29 -17.60 8.07 -15.91
N ASP D 30 -18.29 8.60 -16.93
CA ASP D 30 -19.16 7.75 -17.76
C ASP D 30 -18.51 7.43 -19.13
N THR D 31 -17.19 7.61 -19.26
CA THR D 31 -16.51 7.46 -20.56
C THR D 31 -15.63 6.21 -20.48
N GLN D 32 -15.95 5.22 -21.29
CA GLN D 32 -15.06 4.06 -21.37
C GLN D 32 -13.72 4.44 -21.99
N PHE D 33 -12.60 3.90 -21.44
CA PHE D 33 -11.29 4.20 -22.01
C PHE D 33 -10.41 2.99 -22.37
N VAL D 34 -10.72 1.81 -21.86
CA VAL D 34 -9.99 0.60 -22.22
C VAL D 34 -10.90 -0.56 -22.16
N ARG D 35 -10.51 -1.60 -22.89
CA ARG D 35 -11.16 -2.86 -22.82
C ARG D 35 -10.23 -4.01 -23.03
N PHE D 36 -10.65 -5.14 -22.51
CA PHE D 36 -10.06 -6.45 -22.84
C PHE D 36 -11.18 -7.44 -22.98
N ASP D 37 -11.16 -8.21 -24.06
CA ASP D 37 -12.19 -9.24 -24.27
C ASP D 37 -11.50 -10.52 -24.67
N SER D 38 -11.72 -11.60 -23.93
CA SER D 38 -11.12 -12.90 -24.24
C SER D 38 -11.49 -13.42 -25.63
N ASP D 39 -12.63 -12.97 -26.17
CA ASP D 39 -13.07 -13.43 -27.47
C ASP D 39 -12.55 -12.59 -28.63
N ALA D 40 -11.82 -11.52 -28.33
CA ALA D 40 -11.28 -10.63 -29.35
C ALA D 40 -9.97 -11.13 -30.00
N ALA D 41 -9.64 -10.59 -31.17
CA ALA D 41 -8.41 -10.88 -31.90
C ALA D 41 -7.10 -10.54 -31.21
N SER D 42 -6.99 -9.36 -30.61
CA SER D 42 -5.65 -8.89 -30.20
C SER D 42 -5.04 -9.64 -29.01
N GLN D 43 -5.90 -10.10 -28.10
CA GLN D 43 -5.49 -10.61 -26.79
C GLN D 43 -4.59 -9.61 -26.02
N ARG D 44 -4.93 -8.33 -26.18
CA ARG D 44 -4.25 -7.28 -25.44
C ARG D 44 -5.28 -6.34 -24.80
N MET D 45 -4.87 -5.55 -23.81
CA MET D 45 -5.68 -4.37 -23.45
C MET D 45 -5.67 -3.42 -24.62
N GLU D 46 -6.85 -2.87 -24.92
CA GLU D 46 -7.05 -2.02 -26.09
C GLU D 46 -7.60 -0.66 -25.71
N PRO D 47 -7.21 0.39 -26.44
CA PRO D 47 -7.77 1.73 -26.15
C PRO D 47 -9.20 1.88 -26.66
N ARG D 48 -10.00 2.68 -25.94
CA ARG D 48 -11.36 3.04 -26.39
C ARG D 48 -11.66 4.53 -26.28
N ALA D 49 -10.67 5.34 -25.99
CA ALA D 49 -10.81 6.75 -26.02
C ALA D 49 -9.53 7.34 -26.63
N PRO D 50 -9.64 8.49 -27.31
CA PRO D 50 -8.49 9.13 -27.96
C PRO D 50 -7.32 9.46 -27.06
N TRP D 51 -7.61 9.99 -25.89
CA TRP D 51 -6.57 10.48 -24.97
C TRP D 51 -5.72 9.37 -24.33
N ILE D 52 -6.18 8.14 -24.30
CA ILE D 52 -5.35 7.05 -23.75
C ILE D 52 -4.37 6.54 -24.79
N GLU D 53 -4.68 6.73 -26.08
CA GLU D 53 -3.80 6.30 -27.19
C GLU D 53 -2.40 6.86 -27.15
N GLN D 54 -2.19 8.00 -26.49
CA GLN D 54 -0.87 8.56 -26.33
C GLN D 54 0.04 7.85 -25.33
N GLU D 55 -0.50 7.00 -24.46
CA GLU D 55 0.35 6.24 -23.52
C GLU D 55 1.25 5.29 -24.32
N GLY D 56 2.49 5.09 -23.86
CA GLY D 56 3.48 4.33 -24.61
C GLY D 56 3.39 2.82 -24.48
N PRO D 57 4.31 2.09 -25.19
CA PRO D 57 4.26 0.63 -25.11
C PRO D 57 4.42 0.04 -23.72
N GLU D 58 5.16 0.69 -22.81
CA GLU D 58 5.27 0.20 -21.42
CA GLU D 58 5.29 0.17 -21.44
C GLU D 58 3.93 0.16 -20.69
N TYR D 59 3.09 1.17 -20.95
CA TYR D 59 1.74 1.21 -20.39
C TYR D 59 0.95 0.02 -20.92
N TRP D 60 0.92 -0.13 -22.24
CA TRP D 60 0.08 -1.17 -22.87
C TRP D 60 0.56 -2.57 -22.51
N ASP D 61 1.87 -2.74 -22.48
CA ASP D 61 2.44 -4.03 -22.07
C ASP D 61 2.08 -4.35 -20.62
N GLY D 62 2.19 -3.37 -19.74
CA GLY D 62 1.84 -3.53 -18.33
C GLY D 62 0.38 -3.81 -18.08
N GLU D 63 -0.51 -3.06 -18.78
CA GLU D 63 -1.94 -3.26 -18.62
C GLU D 63 -2.37 -4.60 -19.17
N THR D 64 -1.70 -5.05 -20.23
CA THR D 64 -1.98 -6.37 -20.79
C THR D 64 -1.57 -7.46 -19.80
N ARG D 65 -0.40 -7.31 -19.24
CA ARG D 65 0.08 -8.28 -18.20
C ARG D 65 -0.90 -8.37 -17.04
N LYS D 66 -1.28 -7.21 -16.49
CA LYS D 66 -2.17 -7.18 -15.35
C LYS D 66 -3.57 -7.70 -15.66
N VAL D 67 -4.10 -7.39 -16.84
CA VAL D 67 -5.47 -7.82 -17.16
C VAL D 67 -5.46 -9.34 -17.37
N LYS D 68 -4.40 -9.89 -17.96
CA LYS D 68 -4.28 -11.36 -18.08
C LYS D 68 -4.15 -12.01 -16.71
N ALA D 69 -3.46 -11.36 -15.79
CA ALA D 69 -3.42 -11.84 -14.38
C ALA D 69 -4.78 -11.87 -13.72
N HIS D 70 -5.59 -10.83 -13.92
CA HIS D 70 -6.97 -10.79 -13.47
C HIS D 70 -7.76 -11.95 -14.11
N SER D 71 -7.56 -12.17 -15.42
CA SER D 71 -8.25 -13.26 -16.11
C SER D 71 -7.89 -14.62 -15.49
N GLN D 72 -6.63 -14.81 -15.22
N GLN D 72 -6.62 -14.87 -15.23
CA GLN D 72 -6.16 -16.08 -14.62
CA GLN D 72 -6.26 -16.20 -14.62
C GLN D 72 -6.72 -16.29 -13.19
C GLN D 72 -6.80 -16.30 -13.18
N THR D 73 -6.78 -15.21 -12.42
CA THR D 73 -7.37 -15.26 -11.09
C THR D 73 -8.86 -15.65 -11.17
N HIS D 74 -9.61 -14.99 -12.09
CA HIS D 74 -10.99 -15.36 -12.29
C HIS D 74 -11.24 -16.75 -12.76
N ARG D 75 -10.37 -17.28 -13.59
CA ARG D 75 -10.48 -18.65 -14.09
C ARG D 75 -10.37 -19.62 -12.90
N VAL D 76 -9.39 -19.34 -12.04
CA VAL D 76 -9.23 -20.16 -10.75
C VAL D 76 -10.48 -20.00 -9.89
N ASP D 77 -10.97 -18.77 -9.75
CA ASP D 77 -12.10 -18.47 -8.89
C ASP D 77 -13.38 -19.23 -9.30
N LEU D 78 -13.63 -19.35 -10.62
CA LEU D 78 -14.79 -20.08 -11.08
C LEU D 78 -14.80 -21.52 -10.61
N GLY D 79 -13.64 -22.16 -10.74
CA GLY D 79 -13.52 -23.50 -10.20
C GLY D 79 -13.63 -23.59 -8.69
N THR D 80 -13.00 -22.64 -8.00
CA THR D 80 -13.05 -22.65 -6.52
C THR D 80 -14.51 -22.53 -5.99
N LEU D 81 -15.25 -21.62 -6.61
CA LEU D 81 -16.61 -21.27 -6.18
C LEU D 81 -17.53 -22.41 -6.50
N ARG D 82 -17.30 -23.09 -7.64
CA ARG D 82 -18.13 -24.23 -7.97
C ARG D 82 -17.97 -25.30 -6.85
N GLY D 83 -16.77 -25.42 -6.35
CA GLY D 83 -16.46 -26.37 -5.28
C GLY D 83 -17.05 -25.91 -3.95
N TYR D 84 -16.91 -24.65 -3.62
CA TYR D 84 -17.42 -24.14 -2.32
C TYR D 84 -18.94 -24.36 -2.19
N TYR D 85 -19.66 -24.21 -3.31
CA TYR D 85 -21.10 -24.40 -3.34
C TYR D 85 -21.52 -25.80 -3.81
N ASN D 86 -20.56 -26.70 -4.06
CA ASN D 86 -20.77 -28.03 -4.66
C ASN D 86 -21.77 -28.05 -5.83
N GLN D 87 -21.59 -27.13 -6.77
CA GLN D 87 -22.42 -27.05 -7.95
C GLN D 87 -21.93 -28.06 -9.01
N SER D 88 -22.86 -28.52 -9.83
CA SER D 88 -22.47 -29.42 -10.86
C SER D 88 -21.68 -28.77 -11.97
N GLU D 89 -21.04 -29.61 -12.78
CA GLU D 89 -20.30 -29.09 -13.96
C GLU D 89 -21.23 -28.65 -15.12
N ALA D 90 -22.52 -28.95 -15.05
CA ALA D 90 -23.44 -28.72 -16.15
C ALA D 90 -23.86 -27.27 -16.34
N GLY D 91 -23.78 -26.46 -15.31
CA GLY D 91 -24.32 -25.09 -15.34
C GLY D 91 -23.28 -24.03 -15.55
N SER D 92 -23.64 -22.95 -16.23
CA SER D 92 -22.81 -21.74 -16.30
C SER D 92 -22.97 -20.86 -15.06
N HIS D 93 -21.90 -20.32 -14.57
CA HIS D 93 -21.84 -19.38 -13.45
C HIS D 93 -21.10 -18.14 -13.78
N THR D 94 -21.38 -17.07 -13.07
CA THR D 94 -20.82 -15.75 -13.36
C THR D 94 -20.11 -15.17 -12.16
N VAL D 95 -18.92 -14.64 -12.34
CA VAL D 95 -18.28 -13.81 -11.36
C VAL D 95 -18.20 -12.37 -11.89
N GLN D 96 -18.45 -11.42 -11.03
CA GLN D 96 -18.25 -10.00 -11.38
C GLN D 96 -17.40 -9.35 -10.31
N ARG D 97 -16.51 -8.45 -10.71
CA ARG D 97 -15.73 -7.61 -9.80
C ARG D 97 -15.76 -6.14 -10.25
N MET D 98 -15.87 -5.24 -9.31
CA MET D 98 -15.72 -3.82 -9.63
C MET D 98 -14.86 -3.18 -8.58
N TYR D 99 -13.91 -2.34 -8.99
CA TYR D 99 -13.20 -1.52 -8.04
C TYR D 99 -12.87 -0.18 -8.61
N GLY D 100 -12.56 0.78 -7.74
CA GLY D 100 -12.19 2.10 -8.20
C GLY D 100 -12.22 3.16 -7.14
N CYS D 101 -12.11 4.44 -7.54
CA CYS D 101 -11.97 5.51 -6.60
C CYS D 101 -12.73 6.72 -7.09
N ASP D 102 -13.22 7.51 -6.15
CA ASP D 102 -13.82 8.82 -6.43
C ASP D 102 -12.95 9.91 -5.86
N VAL D 103 -12.94 11.06 -6.54
CA VAL D 103 -12.31 12.28 -6.03
C VAL D 103 -13.30 13.42 -6.08
N GLY D 104 -13.12 14.39 -5.19
CA GLY D 104 -14.00 15.60 -5.19
C GLY D 104 -13.54 16.63 -6.19
N SER D 105 -14.11 17.84 -6.07
CA SER D 105 -13.78 18.94 -6.97
C SER D 105 -12.36 19.41 -6.94
N ASP D 106 -11.70 19.18 -5.81
CA ASP D 106 -10.27 19.46 -5.66
C ASP D 106 -9.39 18.29 -6.14
N TRP D 107 -9.99 17.28 -6.74
CA TRP D 107 -9.29 16.07 -7.22
C TRP D 107 -8.55 15.29 -6.12
N ARG D 108 -9.00 15.45 -4.87
CA ARG D 108 -8.45 14.67 -3.78
C ARG D 108 -9.37 13.51 -3.48
N PHE D 109 -8.78 12.41 -3.04
CA PHE D 109 -9.48 11.21 -2.65
C PHE D 109 -10.72 11.47 -1.80
N LEU D 110 -11.83 10.86 -2.18
CA LEU D 110 -13.08 10.95 -1.45
C LEU D 110 -13.51 9.56 -0.92
N ARG D 111 -13.53 8.55 -1.78
CA ARG D 111 -13.81 7.19 -1.38
C ARG D 111 -13.23 6.19 -2.35
N GLY D 112 -13.17 4.95 -1.88
CA GLY D 112 -12.65 3.85 -2.65
C GLY D 112 -13.55 2.64 -2.46
N TYR D 113 -13.50 1.67 -3.37
CA TYR D 113 -14.38 0.50 -3.29
C TYR D 113 -13.87 -0.68 -4.01
N HIS D 114 -14.25 -1.87 -3.55
CA HIS D 114 -14.00 -3.12 -4.22
C HIS D 114 -15.11 -4.09 -3.86
N GLN D 115 -15.86 -4.55 -4.86
N GLN D 115 -15.81 -4.59 -4.85
CA GLN D 115 -17.05 -5.41 -4.67
CA GLN D 115 -16.97 -5.47 -4.64
C GLN D 115 -16.88 -6.62 -5.56
C GLN D 115 -16.88 -6.64 -5.60
N TYR D 116 -17.39 -7.78 -5.13
CA TYR D 116 -17.21 -9.04 -5.85
C TYR D 116 -18.52 -9.78 -5.70
N ALA D 117 -19.05 -10.27 -6.82
CA ALA D 117 -20.33 -10.98 -6.87
C ALA D 117 -20.16 -12.34 -7.49
N TYR D 118 -20.96 -13.29 -7.02
CA TYR D 118 -21.12 -14.56 -7.68
C TYR D 118 -22.59 -14.79 -7.98
N ASP D 119 -22.85 -15.21 -9.22
CA ASP D 119 -24.20 -15.47 -9.76
C ASP D 119 -25.22 -14.33 -9.45
N GLY D 120 -24.73 -13.13 -9.63
CA GLY D 120 -25.60 -11.95 -9.57
C GLY D 120 -25.87 -11.37 -8.23
N LYS D 121 -25.22 -11.89 -7.17
CA LYS D 121 -25.38 -11.20 -5.87
C LYS D 121 -24.06 -11.09 -5.15
N ASP D 122 -24.03 -10.14 -4.23
CA ASP D 122 -22.82 -9.85 -3.41
C ASP D 122 -22.25 -11.14 -2.83
N TYR D 123 -20.92 -11.30 -2.96
CA TYR D 123 -20.19 -12.45 -2.34
C TYR D 123 -19.27 -11.88 -1.20
N ILE D 124 -18.42 -10.93 -1.54
CA ILE D 124 -17.56 -10.29 -0.54
C ILE D 124 -17.32 -8.86 -0.97
N ALA D 125 -17.33 -7.95 -0.04
CA ALA D 125 -17.05 -6.54 -0.33
C ALA D 125 -16.10 -5.90 0.70
N LEU D 126 -15.34 -4.93 0.26
CA LEU D 126 -14.53 -4.15 1.15
C LEU D 126 -15.40 -3.10 1.79
N LYS D 127 -15.28 -2.91 3.09
CA LYS D 127 -16.03 -1.88 3.79
C LYS D 127 -15.55 -0.50 3.46
N GLU D 128 -16.36 0.50 3.79
CA GLU D 128 -16.06 1.90 3.46
C GLU D 128 -14.72 2.36 4.03
N ASP D 129 -14.38 1.89 5.22
CA ASP D 129 -13.09 2.21 5.84
C ASP D 129 -11.87 1.62 5.11
N LEU D 130 -12.09 0.74 4.14
CA LEU D 130 -11.01 0.07 3.40
C LEU D 130 -10.06 -0.77 4.30
N ARG D 131 -10.55 -1.19 5.46
CA ARG D 131 -9.73 -2.01 6.39
C ARG D 131 -10.25 -3.42 6.66
N SER D 132 -11.48 -3.73 6.27
CA SER D 132 -12.11 -5.02 6.62
C SER D 132 -13.17 -5.35 5.56
N TRP D 133 -13.64 -6.60 5.60
CA TRP D 133 -14.49 -7.19 4.60
C TRP D 133 -15.86 -7.54 5.17
N THR D 134 -16.88 -7.53 4.30
CA THR D 134 -18.19 -8.10 4.58
C THR D 134 -18.42 -9.29 3.70
N ALA D 135 -18.69 -10.44 4.35
CA ALA D 135 -18.91 -11.70 3.60
C ALA D 135 -20.39 -12.05 3.61
N ALA D 136 -20.92 -12.51 2.49
CA ALA D 136 -22.36 -12.76 2.35
C ALA D 136 -22.85 -14.03 3.05
N ASP D 137 -22.02 -15.07 3.12
CA ASP D 137 -22.43 -16.37 3.62
C ASP D 137 -21.20 -17.18 4.12
N MET D 138 -21.41 -18.44 4.44
N MET D 138 -21.40 -18.44 4.52
CA MET D 138 -20.39 -19.28 5.03
CA MET D 138 -20.31 -19.25 5.06
C MET D 138 -19.23 -19.57 4.07
C MET D 138 -19.19 -19.58 4.07
N ALA D 139 -19.50 -19.72 2.77
CA ALA D 139 -18.45 -19.89 1.76
C ALA D 139 -17.63 -18.64 1.62
N ALA D 140 -18.30 -17.49 1.62
CA ALA D 140 -17.55 -16.23 1.53
C ALA D 140 -16.69 -15.98 2.78
N GLN D 141 -17.10 -16.52 3.93
CA GLN D 141 -16.27 -16.42 5.13
C GLN D 141 -14.89 -17.09 4.95
N THR D 142 -14.86 -18.17 4.20
CA THR D 142 -13.58 -18.83 3.87
C THR D 142 -12.65 -17.82 3.13
N THR D 143 -13.20 -17.13 2.16
CA THR D 143 -12.47 -16.18 1.36
C THR D 143 -12.03 -15.00 2.25
N LYS D 144 -12.93 -14.55 3.14
CA LYS D 144 -12.61 -13.43 4.02
C LYS D 144 -11.39 -13.78 4.85
N HIS D 145 -11.39 -14.97 5.44
CA HIS D 145 -10.25 -15.43 6.24
C HIS D 145 -8.94 -15.52 5.46
N LYS D 146 -8.98 -16.02 4.23
CA LYS D 146 -7.78 -16.01 3.33
C LYS D 146 -7.27 -14.60 3.09
N TRP D 147 -8.19 -13.70 2.83
CA TRP D 147 -7.77 -12.35 2.44
C TRP D 147 -7.27 -11.55 3.65
N GLU D 148 -7.80 -11.86 4.82
CA GLU D 148 -7.32 -11.30 6.07
C GLU D 148 -5.92 -11.82 6.38
N ALA D 149 -5.71 -13.13 6.18
CA ALA D 149 -4.39 -13.70 6.43
C ALA D 149 -3.29 -13.13 5.53
N ALA D 150 -3.65 -12.80 4.33
CA ALA D 150 -2.69 -12.24 3.36
C ALA D 150 -2.72 -10.69 3.34
N HIS D 151 -3.48 -10.05 4.23
CA HIS D 151 -3.52 -8.57 4.33
C HIS D 151 -3.77 -7.93 2.96
N VAL D 152 -4.71 -8.52 2.18
CA VAL D 152 -5.18 -7.99 0.94
C VAL D 152 -5.76 -6.54 1.12
N ALA D 153 -6.49 -6.32 2.18
CA ALA D 153 -7.14 -5.00 2.36
C ALA D 153 -6.06 -3.90 2.41
N GLU D 154 -4.96 -4.13 3.11
CA GLU D 154 -3.92 -3.12 3.23
C GLU D 154 -3.33 -2.70 1.88
N GLN D 155 -3.02 -3.67 1.04
CA GLN D 155 -2.47 -3.34 -0.28
C GLN D 155 -3.51 -2.78 -1.24
N LEU D 156 -4.74 -3.23 -1.10
CA LEU D 156 -5.85 -2.72 -1.91
C LEU D 156 -6.13 -1.27 -1.53
N ARG D 157 -6.11 -0.99 -0.24
CA ARG D 157 -6.25 0.41 0.24
C ARG D 157 -5.18 1.32 -0.32
N ALA D 158 -3.94 0.83 -0.32
CA ALA D 158 -2.84 1.63 -0.87
C ALA D 158 -3.06 2.01 -2.35
N TYR D 159 -3.51 1.07 -3.12
CA TYR D 159 -3.96 1.27 -4.55
C TYR D 159 -5.09 2.27 -4.63
N LEU D 160 -6.16 2.02 -3.90
CA LEU D 160 -7.37 2.87 -4.00
C LEU D 160 -7.13 4.30 -3.60
N GLU D 161 -6.32 4.54 -2.56
CA GLU D 161 -6.02 5.90 -2.10
C GLU D 161 -4.83 6.55 -2.76
N GLY D 162 -4.00 5.76 -3.44
CA GLY D 162 -2.74 6.23 -3.98
C GLY D 162 -2.75 6.18 -5.50
N THR D 163 -2.35 5.06 -6.05
CA THR D 163 -2.22 4.84 -7.47
C THR D 163 -3.51 5.21 -8.24
N CYS D 164 -4.66 4.72 -7.77
CA CYS D 164 -5.95 4.95 -8.48
C CYS D 164 -6.18 6.46 -8.64
N VAL D 165 -5.99 7.23 -7.57
N VAL D 165 -6.01 7.21 -7.55
CA VAL D 165 -6.26 8.69 -7.65
CA VAL D 165 -6.21 8.67 -7.54
C VAL D 165 -5.20 9.42 -8.45
C VAL D 165 -5.21 9.39 -8.45
N GLU D 166 -3.95 8.98 -8.35
CA GLU D 166 -2.86 9.57 -9.14
C GLU D 166 -3.05 9.40 -10.66
N TRP D 167 -3.41 8.20 -11.06
CA TRP D 167 -3.66 7.91 -12.46
C TRP D 167 -4.99 8.55 -12.97
N LEU D 168 -6.03 8.59 -12.15
CA LEU D 168 -7.24 9.37 -12.48
C LEU D 168 -6.91 10.77 -12.79
N ARG D 169 -6.12 11.41 -11.95
CA ARG D 169 -5.73 12.79 -12.19
C ARG D 169 -4.95 12.96 -13.50
N ARG D 170 -4.04 12.03 -13.80
CA ARG D 170 -3.30 12.05 -15.04
C ARG D 170 -4.27 11.98 -16.23
N TYR D 171 -5.25 11.08 -16.15
CA TYR D 171 -6.24 10.89 -17.22
C TYR D 171 -7.08 12.14 -17.43
N LEU D 172 -7.48 12.74 -16.32
CA LEU D 172 -8.28 13.97 -16.37
C LEU D 172 -7.52 15.07 -17.05
N GLU D 173 -6.23 15.20 -16.79
CA GLU D 173 -5.42 16.22 -17.44
C GLU D 173 -5.21 15.87 -18.92
N ASN D 174 -4.77 14.65 -19.24
CA ASN D 174 -4.54 14.24 -20.63
C ASN D 174 -5.83 14.24 -21.49
N GLY D 175 -6.96 13.86 -20.92
CA GLY D 175 -8.21 13.86 -21.61
C GLY D 175 -9.03 15.12 -21.37
N LYS D 176 -8.42 16.21 -20.96
CA LYS D 176 -9.19 17.36 -20.52
C LYS D 176 -10.22 17.85 -21.57
N GLU D 177 -9.83 17.91 -22.84
CA GLU D 177 -10.70 18.37 -23.94
C GLU D 177 -12.05 17.64 -24.08
N THR D 178 -12.15 16.42 -23.57
CA THR D 178 -13.40 15.63 -23.56
C THR D 178 -13.85 15.16 -22.15
N LEU D 179 -12.95 14.84 -21.24
CA LEU D 179 -13.37 14.38 -19.90
C LEU D 179 -13.83 15.48 -18.92
N GLN D 180 -13.28 16.67 -19.00
CA GLN D 180 -13.69 17.82 -18.13
C GLN D 180 -14.69 18.70 -18.85
N ARG D 181 -15.75 18.08 -19.26
CA ARG D 181 -16.85 18.78 -19.90
C ARG D 181 -18.07 18.42 -19.07
N THR D 182 -19.02 19.33 -18.94
CA THR D 182 -20.40 18.95 -18.70
C THR D 182 -21.17 19.45 -19.93
N ASP D 183 -22.09 18.65 -20.42
CA ASP D 183 -23.00 19.04 -21.51
C ASP D 183 -24.36 19.11 -20.84
N ALA D 184 -24.88 20.34 -20.69
CA ALA D 184 -26.22 20.54 -20.11
C ALA D 184 -27.29 19.90 -20.99
N PRO D 185 -28.33 19.34 -20.42
CA PRO D 185 -29.37 18.81 -21.32
C PRO D 185 -30.07 19.85 -22.18
N LYS D 186 -30.30 19.49 -23.42
CA LYS D 186 -31.23 20.22 -24.30
C LYS D 186 -32.62 19.67 -24.00
N THR D 187 -33.54 20.55 -23.60
CA THR D 187 -34.84 20.10 -23.15
C THR D 187 -35.97 20.63 -24.04
N HIS D 188 -37.06 19.86 -24.07
CA HIS D 188 -38.30 20.27 -24.71
C HIS D 188 -39.46 19.41 -24.29
N MET D 189 -40.68 19.88 -24.55
CA MET D 189 -41.87 19.16 -24.15
C MET D 189 -42.70 18.86 -25.40
N THR D 190 -43.34 17.69 -25.45
CA THR D 190 -44.31 17.34 -26.47
C THR D 190 -45.64 17.07 -25.81
N HIS D 191 -46.70 17.18 -26.60
CA HIS D 191 -48.07 17.03 -26.15
C HIS D 191 -48.79 16.11 -27.16
N HIS D 192 -49.45 15.06 -26.66
CA HIS D 192 -50.29 14.19 -27.51
C HIS D 192 -51.65 13.97 -26.87
N ALA D 193 -52.72 14.39 -27.51
CA ALA D 193 -54.04 14.16 -26.98
C ALA D 193 -54.29 12.64 -26.98
N VAL D 194 -54.94 12.14 -25.93
CA VAL D 194 -55.38 10.76 -25.86
C VAL D 194 -56.88 10.62 -26.16
N SER D 195 -57.69 11.60 -25.76
CA SER D 195 -59.12 11.63 -25.94
C SER D 195 -59.56 13.09 -25.81
N ASP D 196 -60.86 13.34 -25.81
CA ASP D 196 -61.42 14.69 -25.51
C ASP D 196 -61.15 15.16 -24.08
N HIS D 197 -60.85 14.23 -23.16
CA HIS D 197 -60.69 14.61 -21.75
C HIS D 197 -59.29 14.40 -21.16
N GLU D 198 -58.36 13.80 -21.89
CA GLU D 198 -56.99 13.61 -21.38
C GLU D 198 -55.94 13.82 -22.47
N ALA D 199 -54.71 14.13 -22.02
CA ALA D 199 -53.57 14.34 -22.91
C ALA D 199 -52.28 13.94 -22.20
N THR D 200 -51.28 13.54 -22.97
CA THR D 200 -49.97 13.17 -22.43
C THR D 200 -49.02 14.35 -22.63
N LEU D 201 -48.29 14.73 -21.56
CA LEU D 201 -47.15 15.61 -21.70
C LEU D 201 -45.89 14.79 -21.51
N ARG D 202 -44.91 14.99 -22.38
CA ARG D 202 -43.65 14.29 -22.30
C ARG D 202 -42.49 15.30 -22.28
N CYS D 203 -41.70 15.22 -21.24
CA CYS D 203 -40.56 16.12 -21.05
C CYS D 203 -39.28 15.37 -21.43
N TRP D 204 -38.51 15.94 -22.36
CA TRP D 204 -37.32 15.33 -22.93
C TRP D 204 -36.05 16.05 -22.49
N ALA D 205 -35.02 15.26 -22.18
CA ALA D 205 -33.65 15.76 -21.92
C ALA D 205 -32.71 14.97 -22.84
N LEU D 206 -32.02 15.68 -23.69
CA LEU D 206 -31.16 15.12 -24.76
C LEU D 206 -29.75 15.67 -24.70
N SER D 207 -28.80 14.88 -25.21
CA SER D 207 -27.43 15.34 -25.38
C SER D 207 -26.70 15.84 -24.12
N PHE D 208 -26.93 15.15 -23.02
CA PHE D 208 -26.31 15.51 -21.76
C PHE D 208 -25.20 14.52 -21.32
N TYR D 209 -24.32 15.06 -20.51
CA TYR D 209 -23.12 14.37 -19.96
C TYR D 209 -22.71 15.15 -18.73
N PRO D 210 -22.43 14.51 -17.59
CA PRO D 210 -22.55 13.05 -17.39
C PRO D 210 -23.99 12.54 -17.36
N ALA D 211 -24.13 11.22 -17.14
CA ALA D 211 -25.45 10.53 -17.21
C ALA D 211 -26.42 10.86 -16.03
N GLU D 212 -25.90 11.19 -14.85
CA GLU D 212 -26.73 11.56 -13.70
C GLU D 212 -27.66 12.74 -14.02
N ILE D 213 -28.96 12.55 -13.80
CA ILE D 213 -30.01 13.58 -14.11
C ILE D 213 -31.22 13.26 -13.27
N THR D 214 -32.01 14.28 -12.91
CA THR D 214 -33.30 14.03 -12.23
C THR D 214 -34.36 14.79 -13.05
N LEU D 215 -35.40 14.07 -13.46
CA LEU D 215 -36.58 14.65 -14.13
C LEU D 215 -37.76 14.35 -13.27
N THR D 216 -38.49 15.39 -12.88
CA THR D 216 -39.64 15.19 -11.98
C THR D 216 -40.80 16.04 -12.49
N TRP D 217 -42.02 15.56 -12.33
CA TRP D 217 -43.23 16.32 -12.72
C TRP D 217 -43.85 16.82 -11.44
N GLN D 218 -44.34 18.06 -11.47
CA GLN D 218 -45.13 18.65 -10.38
C GLN D 218 -46.48 19.10 -10.90
N ARG D 219 -47.53 19.03 -10.09
CA ARG D 219 -48.84 19.61 -10.41
C ARG D 219 -49.10 20.67 -9.34
N ASP D 220 -49.36 21.92 -9.72
CA ASP D 220 -49.60 23.01 -8.73
C ASP D 220 -48.46 23.03 -7.71
N GLY D 221 -47.23 22.84 -8.19
CA GLY D 221 -46.04 22.83 -7.33
C GLY D 221 -45.87 21.67 -6.33
N GLU D 222 -46.63 20.58 -6.49
CA GLU D 222 -46.55 19.42 -5.60
C GLU D 222 -46.01 18.25 -6.42
N ASP D 223 -45.08 17.49 -5.86
CA ASP D 223 -44.51 16.33 -6.56
C ASP D 223 -45.64 15.37 -6.96
N GLN D 224 -45.52 14.83 -8.16
CA GLN D 224 -46.54 14.04 -8.81
C GLN D 224 -45.86 12.79 -9.36
N THR D 225 -46.15 11.62 -8.81
CA THR D 225 -45.74 10.36 -9.44
C THR D 225 -46.95 9.49 -9.88
N GLN D 226 -48.16 9.82 -9.45
CA GLN D 226 -49.34 9.14 -9.97
C GLN D 226 -49.50 9.52 -11.43
N ASP D 227 -49.85 8.53 -12.25
CA ASP D 227 -50.11 8.71 -13.69
C ASP D 227 -48.86 9.27 -14.45
N THR D 228 -47.64 9.07 -13.89
CA THR D 228 -46.34 9.38 -14.53
C THR D 228 -45.65 8.10 -15.12
N GLU D 229 -44.58 8.31 -15.88
CA GLU D 229 -43.82 7.23 -16.54
C GLU D 229 -42.48 7.82 -16.87
N LEU D 230 -41.40 7.16 -16.42
CA LEU D 230 -40.01 7.58 -16.53
C LEU D 230 -39.24 6.44 -17.26
N VAL D 231 -38.42 6.73 -18.26
CA VAL D 231 -37.55 5.65 -18.82
C VAL D 231 -36.20 5.77 -18.14
N GLU D 232 -35.47 4.66 -18.13
N GLU D 232 -35.47 4.66 -18.12
CA GLU D 232 -34.10 4.65 -17.67
CA GLU D 232 -34.12 4.69 -17.62
C GLU D 232 -33.30 5.57 -18.58
C GLU D 232 -33.32 5.58 -18.56
N THR D 233 -32.35 6.29 -18.01
CA THR D 233 -31.38 7.06 -18.80
C THR D 233 -30.62 6.15 -19.74
N ARG D 234 -30.43 6.56 -20.97
CA ARG D 234 -29.99 5.66 -22.02
C ARG D 234 -28.92 6.38 -22.82
N PRO D 235 -27.94 5.62 -23.34
CA PRO D 235 -26.88 6.21 -24.14
C PRO D 235 -27.32 6.56 -25.56
N ALA D 236 -26.92 7.75 -26.05
CA ALA D 236 -27.18 8.13 -27.43
C ALA D 236 -26.25 7.40 -28.42
N GLY D 237 -25.08 6.97 -27.93
CA GLY D 237 -24.06 6.28 -28.73
C GLY D 237 -22.87 7.17 -29.13
N ASP D 238 -23.02 8.48 -28.92
CA ASP D 238 -22.02 9.50 -29.25
C ASP D 238 -21.32 10.06 -27.99
N GLY D 239 -21.46 9.37 -26.84
CA GLY D 239 -20.93 9.86 -25.58
C GLY D 239 -21.85 10.78 -24.79
N THR D 240 -23.07 10.97 -25.25
CA THR D 240 -24.08 11.71 -24.44
C THR D 240 -25.22 10.77 -24.09
N PHE D 241 -26.16 11.30 -23.26
CA PHE D 241 -27.24 10.50 -22.75
C PHE D 241 -28.59 11.15 -23.04
N GLN D 242 -29.66 10.37 -22.85
CA GLN D 242 -31.04 10.83 -23.12
C GLN D 242 -31.94 10.31 -22.01
N LYS D 243 -33.03 11.06 -21.73
CA LYS D 243 -34.06 10.57 -20.83
C LYS D 243 -35.40 11.27 -21.15
N TRP D 244 -36.50 10.62 -20.83
CA TRP D 244 -37.79 11.32 -20.81
C TRP D 244 -38.68 10.89 -19.68
N ALA D 245 -39.61 11.80 -19.37
CA ALA D 245 -40.62 11.57 -18.30
C ALA D 245 -41.96 12.06 -18.84
N ALA D 246 -43.01 11.31 -18.57
CA ALA D 246 -44.34 11.67 -19.04
C ALA D 246 -45.44 11.60 -17.93
N VAL D 247 -46.48 12.41 -18.12
CA VAL D 247 -47.66 12.45 -17.24
C VAL D 247 -48.92 12.56 -18.14
N VAL D 248 -50.00 11.89 -17.72
N VAL D 248 -49.99 11.92 -17.70
CA VAL D 248 -51.31 12.04 -18.37
CA VAL D 248 -51.30 12.03 -18.34
C VAL D 248 -52.12 13.03 -17.54
C VAL D 248 -52.09 13.04 -17.52
N VAL D 249 -52.59 14.08 -18.20
CA VAL D 249 -53.24 15.20 -17.52
C VAL D 249 -54.66 15.43 -18.10
N PRO D 250 -55.55 16.10 -17.34
CA PRO D 250 -56.83 16.54 -17.94
C PRO D 250 -56.61 17.57 -19.08
N SER D 251 -57.34 17.43 -20.17
CA SER D 251 -57.39 18.44 -21.23
C SER D 251 -57.78 19.80 -20.66
N GLY D 252 -57.07 20.86 -21.04
CA GLY D 252 -57.36 22.21 -20.49
C GLY D 252 -56.52 22.51 -19.23
N GLN D 253 -55.90 21.50 -18.62
CA GLN D 253 -55.17 21.76 -17.37
C GLN D 253 -53.66 21.61 -17.54
N GLU D 254 -53.19 21.54 -18.81
CA GLU D 254 -51.75 21.33 -19.07
C GLU D 254 -50.88 22.32 -18.32
N GLN D 255 -51.28 23.56 -18.21
CA GLN D 255 -50.44 24.58 -17.55
C GLN D 255 -50.28 24.47 -16.06
N ARG D 256 -50.98 23.57 -15.41
CA ARG D 256 -50.79 23.32 -13.99
C ARG D 256 -49.59 22.42 -13.74
N TYR D 257 -49.10 21.79 -14.81
CA TYR D 257 -47.98 20.86 -14.66
C TYR D 257 -46.66 21.50 -15.06
N THR D 258 -45.62 21.20 -14.30
CA THR D 258 -44.26 21.56 -14.63
C THR D 258 -43.33 20.38 -14.56
N CYS D 259 -42.36 20.38 -15.47
CA CYS D 259 -41.24 19.40 -15.49
C CYS D 259 -39.96 20.06 -14.96
N HIS D 260 -39.32 19.42 -14.00
CA HIS D 260 -38.17 20.01 -13.26
C HIS D 260 -36.96 19.17 -13.63
N VAL D 261 -35.90 19.82 -14.11
CA VAL D 261 -34.69 19.17 -14.58
C VAL D 261 -33.50 19.64 -13.74
N GLN D 262 -32.80 18.65 -13.16
CA GLN D 262 -31.57 18.91 -12.40
C GLN D 262 -30.44 18.14 -13.05
N HIS D 263 -29.32 18.82 -13.28
CA HIS D 263 -28.13 18.24 -13.92
C HIS D 263 -26.96 19.08 -13.55
N GLU D 264 -25.79 18.43 -13.34
CA GLU D 264 -24.52 19.14 -13.01
C GLU D 264 -24.18 20.30 -13.97
N GLY D 265 -24.58 20.14 -15.24
CA GLY D 265 -24.42 21.12 -16.28
C GLY D 265 -25.32 22.37 -16.19
N LEU D 266 -26.29 22.38 -15.29
CA LEU D 266 -27.20 23.50 -15.18
C LEU D 266 -26.82 24.30 -13.97
N PRO D 267 -26.52 25.59 -14.14
CA PRO D 267 -26.24 26.34 -12.94
C PRO D 267 -27.47 26.44 -11.99
N LYS D 268 -28.71 26.41 -12.53
CA LYS D 268 -29.91 26.37 -11.69
C LYS D 268 -30.84 25.35 -12.33
N PRO D 269 -31.68 24.67 -11.51
CA PRO D 269 -32.59 23.69 -12.11
C PRO D 269 -33.55 24.38 -13.12
N LEU D 270 -33.94 23.65 -14.14
CA LEU D 270 -34.90 24.17 -15.11
C LEU D 270 -36.31 23.78 -14.70
N THR D 271 -37.24 24.69 -14.95
CA THR D 271 -38.65 24.36 -14.89
C THR D 271 -39.24 24.55 -16.30
N LEU D 272 -39.88 23.54 -16.85
CA LEU D 272 -40.58 23.66 -18.14
C LEU D 272 -42.10 23.55 -17.91
N ARG D 273 -42.84 24.29 -18.72
CA ARG D 273 -44.28 24.27 -18.79
C ARG D 273 -44.67 24.23 -20.27
N TRP D 274 -45.80 23.59 -20.59
CA TRP D 274 -46.25 23.44 -21.97
C TRP D 274 -46.43 24.73 -22.82
N GLU D 275 -47.28 25.64 -22.43
CA GLU D 275 -47.61 26.93 -23.18
C GLU D 275 -47.34 26.95 -24.75
N PRO D 276 -48.14 26.14 -25.49
CA PRO D 276 -47.76 25.56 -26.77
C PRO D 276 -46.45 26.00 -27.38
N MET E 1 -29.05 -18.60 -7.66
CA MET E 1 -28.86 -18.05 -9.00
C MET E 1 -29.82 -16.87 -9.27
N ILE E 2 -29.37 -15.65 -9.41
CA ILE E 2 -30.28 -14.54 -9.73
C ILE E 2 -30.64 -14.61 -11.22
N GLN E 3 -31.90 -14.39 -11.58
CA GLN E 3 -32.25 -14.17 -12.97
C GLN E 3 -33.06 -12.86 -13.07
N ARG E 4 -32.70 -12.04 -14.01
CA ARG E 4 -33.39 -10.76 -14.24
C ARG E 4 -33.74 -10.62 -15.70
N THR E 5 -34.99 -10.28 -16.00
N THR E 5 -34.97 -10.20 -15.96
CA THR E 5 -35.41 -10.17 -17.38
CA THR E 5 -35.54 -10.04 -17.29
C THR E 5 -35.03 -8.77 -17.92
C THR E 5 -35.00 -8.71 -17.90
N PRO E 6 -34.62 -8.69 -19.19
CA PRO E 6 -34.14 -7.41 -19.73
C PRO E 6 -35.23 -6.34 -19.92
N LYS E 7 -34.83 -5.10 -19.71
CA LYS E 7 -35.62 -3.95 -20.13
C LYS E 7 -35.07 -3.59 -21.49
N ILE E 8 -35.91 -3.06 -22.41
CA ILE E 8 -35.47 -2.81 -23.75
C ILE E 8 -36.02 -1.44 -24.17
N GLN E 9 -35.17 -0.62 -24.74
CA GLN E 9 -35.52 0.65 -25.38
C GLN E 9 -34.99 0.71 -26.80
N VAL E 10 -35.89 1.11 -27.75
CA VAL E 10 -35.50 1.23 -29.18
C VAL E 10 -35.71 2.67 -29.57
N TYR E 11 -34.66 3.34 -30.07
CA TYR E 11 -34.70 4.77 -30.30
C TYR E 11 -33.60 5.20 -31.24
N SER E 12 -33.64 6.42 -31.70
CA SER E 12 -32.61 6.92 -32.60
C SER E 12 -31.66 7.84 -31.84
N ARG E 13 -30.44 8.00 -32.36
CA ARG E 13 -29.48 8.88 -31.72
C ARG E 13 -29.92 10.34 -31.77
N HIS E 14 -30.38 10.74 -32.95
CA HIS E 14 -30.83 12.08 -33.22
C HIS E 14 -32.33 11.97 -33.54
N PRO E 15 -33.07 13.08 -33.42
CA PRO E 15 -34.45 13.10 -33.92
C PRO E 15 -34.56 12.57 -35.34
N ALA E 16 -35.52 11.71 -35.57
CA ALA E 16 -35.71 11.09 -36.87
C ALA E 16 -36.24 12.04 -37.95
N GLU E 17 -35.56 12.05 -39.11
CA GLU E 17 -35.96 12.81 -40.26
C GLU E 17 -35.76 11.92 -41.48
N ASN E 18 -36.80 11.78 -42.29
CA ASN E 18 -36.74 10.96 -43.49
C ASN E 18 -35.62 11.45 -44.45
N GLY E 19 -34.88 10.48 -44.97
CA GLY E 19 -33.75 10.74 -45.85
C GLY E 19 -32.49 11.28 -45.19
N LYS E 20 -32.44 11.47 -43.86
CA LYS E 20 -31.23 11.97 -43.17
C LYS E 20 -30.58 10.76 -42.46
N SER E 21 -29.31 10.56 -42.71
CA SER E 21 -28.54 9.53 -41.98
C SER E 21 -28.60 9.70 -40.44
N ASN E 22 -28.68 8.57 -39.72
CA ASN E 22 -28.91 8.54 -38.27
C ASN E 22 -28.37 7.17 -37.74
N PHE E 23 -28.55 6.91 -36.45
CA PHE E 23 -28.28 5.60 -35.83
C PHE E 23 -29.49 5.14 -35.12
N LEU E 24 -29.81 3.88 -35.32
CA LEU E 24 -30.87 3.21 -34.58
C LEU E 24 -30.27 2.39 -33.45
N ASN E 25 -30.77 2.62 -32.24
CA ASN E 25 -30.29 2.03 -31.00
C ASN E 25 -31.29 1.05 -30.40
N CYS E 26 -30.79 -0.11 -29.96
CA CYS E 26 -31.51 -1.02 -29.07
C CYS E 26 -30.68 -1.15 -27.75
N TYR E 27 -31.15 -0.53 -26.65
CA TYR E 27 -30.51 -0.54 -25.37
C TYR E 27 -31.16 -1.59 -24.51
N VAL E 28 -30.38 -2.60 -24.13
CA VAL E 28 -30.90 -3.70 -23.30
CA VAL E 28 -30.88 -3.70 -23.35
C VAL E 28 -30.20 -3.65 -21.95
N SER E 29 -30.98 -3.65 -20.87
CA SER E 29 -30.40 -3.43 -19.54
C SER E 29 -31.14 -4.19 -18.49
N GLY E 30 -30.56 -4.26 -17.28
CA GLY E 30 -31.23 -4.85 -16.18
C GLY E 30 -31.29 -6.36 -16.24
N PHE E 31 -30.42 -7.00 -17.01
CA PHE E 31 -30.57 -8.47 -17.17
C PHE E 31 -29.47 -9.30 -16.50
N HIS E 32 -29.80 -10.51 -16.21
CA HIS E 32 -28.83 -11.50 -15.66
C HIS E 32 -29.45 -12.85 -15.87
N PRO E 33 -28.69 -13.88 -16.29
CA PRO E 33 -27.25 -13.80 -16.59
C PRO E 33 -26.97 -13.06 -17.90
N SER E 34 -25.69 -13.07 -18.29
CA SER E 34 -25.18 -12.16 -19.36
C SER E 34 -25.48 -12.64 -20.78
N ASP E 35 -25.78 -13.91 -21.00
CA ASP E 35 -26.05 -14.41 -22.35
C ASP E 35 -27.39 -13.81 -22.86
N ILE E 36 -27.31 -13.19 -24.00
CA ILE E 36 -28.47 -12.45 -24.58
C ILE E 36 -28.30 -12.36 -26.10
N GLU E 37 -29.41 -12.52 -26.82
CA GLU E 37 -29.41 -12.42 -28.28
C GLU E 37 -30.21 -11.14 -28.65
N VAL E 38 -29.58 -10.24 -29.37
CA VAL E 38 -30.20 -9.00 -29.78
C VAL E 38 -30.05 -8.85 -31.29
N ASP E 39 -31.16 -8.64 -32.03
CA ASP E 39 -31.12 -8.35 -33.46
C ASP E 39 -31.93 -7.08 -33.71
N LEU E 40 -31.47 -6.24 -34.63
CA LEU E 40 -32.30 -5.16 -35.13
C LEU E 40 -32.92 -5.63 -36.40
N LEU E 41 -34.17 -5.23 -36.62
CA LEU E 41 -34.98 -5.72 -37.72
C LEU E 41 -35.49 -4.55 -38.60
N LYS E 42 -35.46 -4.76 -39.91
CA LYS E 42 -35.99 -3.80 -40.92
C LYS E 42 -37.04 -4.53 -41.67
N ASN E 43 -38.30 -4.08 -41.55
CA ASN E 43 -39.43 -4.73 -42.19
C ASN E 43 -39.38 -6.24 -41.89
N GLY E 44 -39.06 -6.57 -40.64
CA GLY E 44 -39.02 -7.95 -40.14
C GLY E 44 -37.77 -8.78 -40.48
N GLU E 45 -36.83 -8.23 -41.25
CA GLU E 45 -35.62 -8.99 -41.68
C GLU E 45 -34.42 -8.50 -40.87
N ARG E 46 -33.56 -9.40 -40.42
CA ARG E 46 -32.44 -8.95 -39.61
C ARG E 46 -31.47 -8.06 -40.35
N ILE E 47 -30.96 -7.06 -39.65
CA ILE E 47 -29.93 -6.16 -40.14
C ILE E 47 -28.54 -6.78 -39.80
N GLU E 48 -27.66 -6.89 -40.81
CA GLU E 48 -26.33 -7.48 -40.52
C GLU E 48 -25.35 -6.53 -39.81
N LYS E 49 -25.26 -5.32 -40.36
CA LYS E 49 -24.21 -4.38 -39.96
C LYS E 49 -24.57 -3.65 -38.64
N VAL E 50 -24.55 -4.40 -37.55
CA VAL E 50 -24.92 -3.91 -36.22
C VAL E 50 -23.72 -4.00 -35.33
N GLU E 51 -23.41 -2.94 -34.59
CA GLU E 51 -22.33 -2.96 -33.63
C GLU E 51 -22.87 -3.04 -32.21
N HIS E 52 -22.00 -3.40 -31.24
CA HIS E 52 -22.45 -3.40 -29.87
C HIS E 52 -21.35 -2.96 -28.94
N SER E 53 -21.79 -2.45 -27.79
CA SER E 53 -20.87 -1.99 -26.77
C SER E 53 -20.25 -3.19 -26.01
N ASP E 54 -19.19 -2.89 -25.26
CA ASP E 54 -18.57 -3.92 -24.38
C ASP E 54 -19.44 -4.12 -23.13
N LEU E 55 -19.76 -5.37 -22.82
CA LEU E 55 -20.53 -5.69 -21.62
C LEU E 55 -20.02 -5.02 -20.36
N SER E 56 -20.94 -4.38 -19.66
CA SER E 56 -20.68 -3.79 -18.36
C SER E 56 -21.94 -4.01 -17.48
N PHE E 57 -21.92 -3.48 -16.29
CA PHE E 57 -22.98 -3.74 -15.32
C PHE E 57 -23.18 -2.59 -14.35
N SER E 58 -24.37 -2.59 -13.76
CA SER E 58 -24.81 -1.52 -12.87
C SER E 58 -24.61 -1.85 -11.41
N LYS E 59 -25.00 -0.94 -10.51
CA LYS E 59 -24.78 -1.12 -9.07
C LYS E 59 -25.49 -2.35 -8.51
N ASP E 60 -26.58 -2.81 -9.11
CA ASP E 60 -27.22 -4.06 -8.62
C ASP E 60 -26.67 -5.33 -9.29
N TRP E 61 -25.57 -5.17 -10.05
CA TRP E 61 -24.91 -6.28 -10.82
C TRP E 61 -25.60 -6.69 -12.08
N SER E 62 -26.73 -6.06 -12.45
CA SER E 62 -27.34 -6.37 -13.73
C SER E 62 -26.54 -5.79 -14.90
N PHE E 63 -26.59 -6.48 -16.02
CA PHE E 63 -25.85 -6.16 -17.23
C PHE E 63 -26.57 -5.16 -18.12
N TYR E 64 -25.80 -4.43 -18.94
CA TYR E 64 -26.36 -3.66 -20.02
C TYR E 64 -25.48 -3.63 -21.25
N LEU E 65 -26.11 -3.51 -22.41
CA LEU E 65 -25.49 -3.46 -23.72
C LEU E 65 -26.27 -2.50 -24.62
N LEU E 66 -25.55 -1.80 -25.45
CA LEU E 66 -26.15 -0.99 -26.56
C LEU E 66 -25.80 -1.65 -27.89
N TYR E 67 -26.82 -1.98 -28.67
CA TYR E 67 -26.70 -2.44 -30.05
C TYR E 67 -27.08 -1.27 -30.97
N TYR E 68 -26.34 -1.02 -32.04
CA TYR E 68 -26.66 0.13 -32.89
C TYR E 68 -26.25 -0.09 -34.36
N THR E 69 -26.93 0.63 -35.27
CA THR E 69 -26.68 0.50 -36.69
C THR E 69 -26.92 1.84 -37.34
N GLU E 70 -26.10 2.17 -38.34
CA GLU E 70 -26.32 3.39 -39.17
C GLU E 70 -27.52 3.11 -40.05
N PHE E 71 -28.46 4.06 -40.16
CA PHE E 71 -29.59 3.87 -41.07
C PHE E 71 -30.14 5.22 -41.53
N THR E 72 -30.96 5.16 -42.56
CA THR E 72 -31.61 6.36 -43.10
C THR E 72 -33.12 6.08 -43.00
N PRO E 73 -33.82 6.72 -42.06
CA PRO E 73 -35.28 6.56 -42.00
C PRO E 73 -35.97 6.97 -43.28
N THR E 74 -36.94 6.18 -43.72
CA THR E 74 -37.86 6.57 -44.83
C THR E 74 -39.30 6.34 -44.42
N GLU E 75 -40.23 6.93 -45.15
CA GLU E 75 -41.68 6.72 -44.94
C GLU E 75 -42.09 5.27 -44.81
N LYS E 76 -41.59 4.43 -45.71
CA LYS E 76 -42.04 3.05 -45.89
C LYS E 76 -41.50 2.11 -44.79
N ASP E 77 -40.33 2.41 -44.23
CA ASP E 77 -39.58 1.38 -43.47
C ASP E 77 -39.96 1.31 -42.00
N GLU E 78 -40.20 0.10 -41.49
N GLU E 78 -40.17 0.08 -41.51
CA GLU E 78 -40.46 -0.11 -40.06
CA GLU E 78 -40.55 -0.27 -40.12
C GLU E 78 -39.26 -0.85 -39.45
C GLU E 78 -39.34 -0.92 -39.42
N TYR E 79 -38.91 -0.42 -38.26
CA TYR E 79 -37.75 -1.06 -37.48
C TYR E 79 -38.21 -1.58 -36.14
N ALA E 80 -37.47 -2.56 -35.61
CA ALA E 80 -37.78 -3.19 -34.35
C ALA E 80 -36.50 -3.85 -33.82
N CYS E 81 -36.49 -4.14 -32.53
CA CYS E 81 -35.44 -4.92 -31.90
C CYS E 81 -36.03 -6.20 -31.39
N ARG E 82 -35.37 -7.35 -31.68
CA ARG E 82 -35.77 -8.61 -31.20
C ARG E 82 -34.74 -9.08 -30.13
N VAL E 83 -35.22 -9.52 -28.97
CA VAL E 83 -34.37 -9.88 -27.82
C VAL E 83 -34.77 -11.26 -27.37
N ASN E 84 -33.78 -12.14 -27.14
CA ASN E 84 -34.07 -13.41 -26.51
C ASN E 84 -33.12 -13.60 -25.31
N HIS E 85 -33.63 -14.21 -24.24
CA HIS E 85 -32.88 -14.35 -22.98
C HIS E 85 -33.53 -15.50 -22.27
N VAL E 86 -32.80 -16.11 -21.36
CA VAL E 86 -33.31 -17.30 -20.66
C VAL E 86 -34.60 -17.02 -19.85
N THR E 87 -34.81 -15.78 -19.45
CA THR E 87 -36.00 -15.44 -18.68
C THR E 87 -37.24 -15.25 -19.56
N LEU E 88 -37.12 -15.26 -20.88
CA LEU E 88 -38.24 -15.00 -21.79
C LEU E 88 -38.78 -16.30 -22.33
N SER E 89 -40.08 -16.51 -22.22
CA SER E 89 -40.71 -17.73 -22.79
C SER E 89 -40.69 -17.72 -24.31
N GLN E 90 -40.58 -16.54 -24.93
CA GLN E 90 -40.33 -16.43 -26.33
C GLN E 90 -39.72 -15.05 -26.55
N PRO E 91 -39.02 -14.87 -27.67
CA PRO E 91 -38.38 -13.61 -27.92
C PRO E 91 -39.32 -12.41 -27.92
N LYS E 92 -38.81 -11.29 -27.42
CA LYS E 92 -39.55 -10.05 -27.34
C LYS E 92 -39.18 -9.19 -28.51
N ILE E 93 -40.18 -8.68 -29.20
CA ILE E 93 -39.95 -7.75 -30.30
C ILE E 93 -40.54 -6.37 -29.91
N VAL E 94 -39.71 -5.35 -29.93
CA VAL E 94 -40.11 -4.03 -29.52
C VAL E 94 -39.94 -3.15 -30.78
N LYS E 95 -41.05 -2.51 -31.19
CA LYS E 95 -41.05 -1.63 -32.39
C LYS E 95 -40.41 -0.30 -32.10
N TRP E 96 -39.70 0.25 -33.07
CA TRP E 96 -39.23 1.61 -33.01
C TRP E 96 -40.39 2.59 -33.23
N ASP E 97 -40.70 3.36 -32.21
CA ASP E 97 -41.72 4.44 -32.30
C ASP E 97 -40.87 5.69 -32.44
N ARG E 98 -40.97 6.31 -33.59
CA ARG E 98 -40.12 7.45 -33.99
C ARG E 98 -40.29 8.75 -33.15
N ASP E 99 -41.20 8.81 -32.19
CA ASP E 99 -41.18 9.91 -31.20
C ASP E 99 -40.97 9.43 -29.75
N MET E 100 -40.11 8.42 -29.48
CA MET E 100 -39.92 7.88 -28.06
C MET E 100 -38.53 7.24 -27.65
N LEU F 1 -5.27 2.99 -14.52
CA LEU F 1 -4.20 1.92 -14.28
C LEU F 1 -4.76 0.84 -13.40
N LEU F 2 -4.64 -0.42 -13.83
CA LEU F 2 -5.18 -1.54 -13.03
C LEU F 2 -4.40 -1.79 -11.76
N TRP F 3 -5.10 -2.43 -10.78
CA TRP F 3 -4.45 -2.92 -9.58
C TRP F 3 -3.53 -4.10 -9.94
N ASN F 4 -2.35 -4.20 -9.34
CA ASN F 4 -1.44 -5.34 -9.58
C ASN F 4 -1.69 -6.55 -8.61
N GLY F 5 -2.59 -6.39 -7.64
CA GLY F 5 -2.65 -7.25 -6.47
C GLY F 5 -3.74 -8.30 -6.27
N PRO F 6 -4.65 -8.54 -7.24
CA PRO F 6 -5.81 -9.42 -6.85
C PRO F 6 -5.39 -10.84 -6.44
N MET F 7 -6.11 -11.40 -5.50
CA MET F 7 -5.81 -12.74 -4.99
C MET F 7 -7.06 -13.56 -5.13
N ALA F 8 -6.83 -14.84 -5.38
CA ALA F 8 -7.90 -15.82 -5.62
C ALA F 8 -8.82 -15.94 -4.35
N VAL F 9 -10.09 -16.19 -4.58
CA VAL F 9 -11.10 -16.43 -3.50
C VAL F 9 -10.91 -17.74 -2.74
#